data_6G5Q
#
_entry.id   6G5Q
#
_cell.length_a   63.024
_cell.length_b   67.878
_cell.length_c   199.653
_cell.angle_alpha   90.00
_cell.angle_beta   90.00
_cell.angle_gamma   90.00
#
_symmetry.space_group_name_H-M   'P 21 21 21'
#
loop_
_entity.id
_entity.type
_entity.pdbx_description
1 polymer 'Cytochrome P450'
2 non-polymer 6-O-methyl-beta-D-galactopyranose
3 non-polymer 'PROTOPORPHYRIN IX CONTAINING FE'
4 non-polymer GLYCEROL
5 water water
#
_entity_poly.entity_id   1
_entity_poly.type   'polypeptide(L)'
_entity_poly.pdbx_seq_one_letter_code
;MKKSELPDPFEKARESKGYGEMNDQDDPVTMLLRHKDVRKSAHNYKTFQSGAVPGRIVIPSEVDIRDTRQIPFEVDPPVH
GVYRAIVEPWFKRPLQAEYQEKLTAQISEIVEETLLKGSVEVVTDFALRLQSRALTLLLNTPFSESETWISWGTHVFRSE
GEALDGDKANILYHYIDEQIDRASENPGDDMYSVLLNSEFEGRKLTKEEVKGVMVLTFAGGRDTVINAVTNSIAYLAEHP
EALERLRKEPEITGRAVEEMIRYFSPLTQMGRVVTEDTHVCEHAVKADSRISLCWASANRDAAVFENPNEIVLDRKVNPH
VGFGFSHHNCLGATHARQILKILLQTLAQKVASFEILDYKENIEDLDHFQRKVGFHNIQIKFNPLTKLAAALEHHHHHH
;
_entity_poly.pdbx_strand_id   A,B
#
loop_
_chem_comp.id
_chem_comp.type
_chem_comp.name
_chem_comp.formula
EMZ D-saccharide, beta linking 6-O-methyl-beta-D-galactopyranose 'C7 H14 O6'
GOL non-polymer GLYCEROL 'C3 H8 O3'
HEM non-polymer 'PROTOPORPHYRIN IX CONTAINING FE' 'C34 H32 Fe N4 O4'
#
# COMPACT_ATOMS: atom_id res chain seq x y z
N LYS A 2 -5.11 14.87 21.51
CA LYS A 2 -5.92 15.87 22.25
C LYS A 2 -7.34 15.99 21.62
N LYS A 3 -7.84 17.21 21.46
CA LYS A 3 -9.27 17.41 21.29
C LYS A 3 -9.80 17.09 19.88
N SER A 4 -9.01 17.38 18.84
CA SER A 4 -9.36 17.06 17.47
C SER A 4 -9.26 15.57 17.09
N GLU A 5 -8.76 14.72 17.98
CA GLU A 5 -8.58 13.33 17.64
C GLU A 5 -9.90 12.60 17.44
N LEU A 6 -9.91 11.66 16.49
CA LEU A 6 -10.98 10.68 16.34
C LEU A 6 -10.39 9.30 16.49
N PRO A 7 -10.59 8.67 17.65
CA PRO A 7 -9.97 7.37 17.93
C PRO A 7 -10.60 6.25 17.11
N ASP A 8 -9.94 5.10 17.04
CA ASP A 8 -10.43 4.01 16.24
C ASP A 8 -11.02 3.00 17.20
N PRO A 9 -12.36 3.00 17.36
CA PRO A 9 -12.96 2.03 18.29
C PRO A 9 -12.96 0.58 17.77
N PHE A 10 -12.65 0.39 16.48
CA PHE A 10 -12.78 -0.93 15.83
C PHE A 10 -11.51 -1.79 15.83
N GLU A 11 -10.40 -1.27 16.37
CA GLU A 11 -9.08 -1.91 16.23
C GLU A 11 -8.96 -3.35 16.71
N LYS A 12 -9.25 -3.63 17.97
CA LYS A 12 -9.13 -4.99 18.47
C LYS A 12 -10.01 -5.94 17.65
N ALA A 13 -11.28 -5.60 17.43
CA ALA A 13 -12.12 -6.52 16.67
C ALA A 13 -11.66 -6.68 15.24
N ARG A 14 -11.26 -5.57 14.58
CA ARG A 14 -10.74 -5.67 13.20
C ARG A 14 -9.59 -6.66 13.14
N GLU A 15 -8.66 -6.53 14.08
CA GLU A 15 -7.48 -7.38 14.05
C GLU A 15 -7.69 -8.82 14.46
N SER A 16 -8.51 -9.04 15.49
CA SER A 16 -8.82 -10.39 15.99
C SER A 16 -9.90 -11.18 15.21
N LYS A 17 -11.12 -10.66 15.09
CA LYS A 17 -12.21 -11.42 14.42
C LYS A 17 -12.40 -11.01 12.93
N GLY A 18 -12.23 -9.71 12.64
CA GLY A 18 -12.53 -9.15 11.32
C GLY A 18 -13.89 -8.49 11.22
N TYR A 19 -14.75 -8.70 12.23
CA TYR A 19 -16.13 -8.20 12.20
C TYR A 19 -16.66 -7.84 13.59
N GLY A 20 -17.82 -7.18 13.60
CA GLY A 20 -18.53 -6.80 14.81
C GLY A 20 -20.03 -7.03 14.63
N GLU A 21 -20.78 -6.86 15.71
CA GLU A 21 -22.22 -6.93 15.66
C GLU A 21 -22.86 -5.72 16.29
N MET A 22 -23.98 -5.29 15.72
CA MET A 22 -24.84 -4.31 16.38
C MET A 22 -26.33 -4.59 16.15
N ASN A 23 -27.17 -4.20 17.09
CA ASN A 23 -28.63 -4.30 16.91
C ASN A 23 -29.20 -2.98 16.49
N ASP A 24 -30.13 -3.04 15.54
CA ASP A 24 -30.78 -1.84 15.08
C ASP A 24 -32.17 -2.30 14.73
N GLN A 25 -33.14 -1.82 15.52
CA GLN A 25 -34.57 -2.09 15.32
C GLN A 25 -34.87 -3.55 14.98
N ASP A 26 -34.33 -4.48 15.77
CA ASP A 26 -34.56 -5.93 15.59
C ASP A 26 -34.25 -6.38 14.14
N ASP A 27 -33.26 -5.76 13.54
CA ASP A 27 -32.75 -6.17 12.24
C ASP A 27 -31.20 -6.19 12.34
N PRO A 28 -30.65 -7.22 13.05
CA PRO A 28 -29.24 -7.17 13.46
C PRO A 28 -28.21 -7.09 12.29
N VAL A 29 -27.10 -6.41 12.56
CA VAL A 29 -26.07 -6.13 11.55
C VAL A 29 -24.75 -6.83 11.85
N THR A 30 -24.16 -7.46 10.83
CA THR A 30 -22.75 -7.87 10.89
C THR A 30 -21.78 -6.84 10.23
N MET A 31 -20.98 -6.17 11.04
CA MET A 31 -20.11 -5.13 10.55
C MET A 31 -18.80 -5.66 9.96
N LEU A 32 -18.54 -5.38 8.69
CA LEU A 32 -17.25 -5.74 8.07
C LEU A 32 -16.15 -4.67 8.32
N LEU A 33 -15.03 -5.08 8.91
CA LEU A 33 -14.06 -4.11 9.44
C LEU A 33 -12.72 -4.00 8.68
N ARG A 34 -12.36 -5.05 7.95
CA ARG A 34 -11.09 -5.07 7.22
C ARG A 34 -11.22 -4.46 5.81
N HIS A 35 -10.27 -3.60 5.47
CA HIS A 35 -10.19 -2.97 4.16
C HIS A 35 -10.37 -3.95 2.98
N LYS A 36 -9.67 -5.09 2.99
CA LYS A 36 -9.77 -6.09 1.88
C LYS A 36 -11.22 -6.59 1.70
N ASP A 37 -11.88 -6.86 2.82
CA ASP A 37 -13.26 -7.37 2.81
C ASP A 37 -14.29 -6.31 2.46
N VAL A 38 -14.07 -5.06 2.92
CA VAL A 38 -14.99 -3.99 2.61
C VAL A 38 -15.01 -3.78 1.08
N ARG A 39 -13.84 -3.85 0.43
CA ARG A 39 -13.78 -3.68 -1.03
C ARG A 39 -14.45 -4.82 -1.79
N LYS A 40 -14.11 -6.06 -1.42
CA LYS A 40 -14.64 -7.23 -2.13
C LYS A 40 -16.16 -7.19 -1.99
N SER A 41 -16.65 -6.88 -0.78
CA SER A 41 -18.09 -6.91 -0.55
C SER A 41 -18.80 -5.75 -1.25
N ALA A 42 -18.15 -4.57 -1.33
CA ALA A 42 -18.78 -3.41 -1.97
C ALA A 42 -18.90 -3.69 -3.45
N HIS A 43 -17.98 -4.49 -3.98
CA HIS A 43 -17.93 -4.79 -5.40
C HIS A 43 -18.94 -5.89 -5.84
N ASN A 44 -19.34 -6.72 -4.87
CA ASN A 44 -20.13 -7.92 -5.10
C ASN A 44 -21.58 -7.63 -4.76
N TYR A 45 -22.26 -6.98 -5.69
CA TYR A 45 -23.63 -6.53 -5.46
C TYR A 45 -24.66 -7.66 -5.54
N LYS A 46 -24.31 -8.76 -6.22
CA LYS A 46 -25.19 -9.93 -6.31
C LYS A 46 -25.47 -10.54 -4.93
N THR A 47 -24.42 -10.74 -4.15
CA THR A 47 -24.54 -11.25 -2.79
C THR A 47 -24.94 -10.17 -1.78
N PHE A 48 -24.39 -8.97 -1.91
CA PHE A 48 -24.67 -7.88 -0.96
C PHE A 48 -25.37 -6.68 -1.62
N GLN A 49 -26.69 -6.70 -1.59
CA GLN A 49 -27.44 -5.86 -2.54
C GLN A 49 -27.92 -4.54 -1.91
N SER A 50 -28.10 -3.54 -2.78
CA SER A 50 -28.60 -2.22 -2.35
C SER A 50 -30.07 -1.99 -2.68
N GLY A 51 -30.58 -2.75 -3.65
CA GLY A 51 -31.96 -2.61 -4.10
C GLY A 51 -32.96 -3.31 -3.19
N ALA A 52 -33.04 -2.86 -1.95
CA ALA A 52 -33.91 -3.46 -0.95
C ALA A 52 -35.17 -2.61 -0.73
N VAL A 53 -36.03 -3.03 0.19
CA VAL A 53 -37.10 -2.18 0.69
C VAL A 53 -36.52 -0.81 1.08
N PRO A 54 -37.07 0.29 0.50
CA PRO A 54 -36.54 1.61 0.78
C PRO A 54 -36.23 1.84 2.28
N GLY A 55 -35.00 2.23 2.57
CA GLY A 55 -34.61 2.55 3.96
C GLY A 55 -33.96 1.40 4.71
N ARG A 56 -34.01 0.20 4.16
CA ARG A 56 -33.47 -0.96 4.87
C ARG A 56 -31.93 -0.99 4.97
N ILE A 57 -31.22 -0.50 3.92
CA ILE A 57 -29.74 -0.55 3.95
C ILE A 57 -29.14 0.53 4.86
N VAL A 58 -29.92 1.56 5.20
CA VAL A 58 -29.42 2.60 6.12
C VAL A 58 -29.28 2.08 7.57
N ILE A 59 -28.31 2.60 8.31
CA ILE A 59 -28.13 2.28 9.71
C ILE A 59 -27.92 3.54 10.54
N PRO A 60 -28.92 3.93 11.33
CA PRO A 60 -30.10 3.11 11.64
C PRO A 60 -31.12 2.99 10.50
N SER A 61 -31.86 1.87 10.48
CA SER A 61 -32.85 1.55 9.45
C SER A 61 -33.91 2.63 9.34
N GLU A 62 -34.36 2.90 8.11
CA GLU A 62 -35.33 3.97 7.87
C GLU A 62 -36.60 3.43 7.28
N VAL A 63 -36.78 2.10 7.29
CA VAL A 63 -38.03 1.48 6.76
C VAL A 63 -39.30 2.12 7.36
N ASP A 64 -39.24 2.51 8.64
CA ASP A 64 -40.43 3.06 9.29
C ASP A 64 -40.63 4.56 9.06
N ILE A 65 -39.68 5.25 8.43
CA ILE A 65 -39.88 6.69 8.19
C ILE A 65 -39.96 7.13 6.73
N ARG A 66 -39.80 6.19 5.79
CA ARG A 66 -39.96 6.55 4.39
C ARG A 66 -40.31 5.38 3.52
N ASP A 67 -41.02 5.71 2.43
CA ASP A 67 -41.50 4.72 1.47
C ASP A 67 -40.80 4.90 0.10
N THR A 68 -40.24 6.09 -0.17
CA THR A 68 -39.68 6.41 -1.48
C THR A 68 -38.25 5.88 -1.67
N ARG A 69 -38.05 5.18 -2.80
CA ARG A 69 -36.77 4.58 -3.14
C ARG A 69 -35.79 5.68 -3.55
N GLN A 70 -34.60 5.68 -2.97
CA GLN A 70 -33.58 6.66 -3.33
C GLN A 70 -32.81 6.19 -4.55
N ILE A 71 -32.47 7.12 -5.45
CA ILE A 71 -31.90 6.75 -6.73
C ILE A 71 -30.67 7.62 -7.01
N PRO A 72 -29.51 7.04 -7.40
CA PRO A 72 -29.27 5.61 -7.62
C PRO A 72 -28.92 4.75 -6.37
N PHE A 73 -28.91 5.36 -5.20
CA PHE A 73 -28.52 4.71 -3.95
C PHE A 73 -29.15 3.34 -3.65
N GLU A 74 -30.45 3.18 -3.94
CA GLU A 74 -31.17 1.94 -3.61
C GLU A 74 -31.56 1.16 -4.85
N VAL A 75 -30.65 1.10 -5.81
CA VAL A 75 -30.87 0.37 -7.05
C VAL A 75 -29.65 -0.47 -7.34
N ASP A 76 -29.82 -1.72 -7.80
CA ASP A 76 -28.69 -2.56 -8.18
C ASP A 76 -28.34 -2.46 -9.67
N PRO A 77 -27.04 -2.67 -10.05
CA PRO A 77 -26.74 -2.82 -11.49
C PRO A 77 -27.62 -3.96 -12.07
N PRO A 78 -27.94 -3.97 -13.37
CA PRO A 78 -27.49 -2.97 -14.36
C PRO A 78 -28.37 -1.73 -14.45
N VAL A 79 -29.52 -1.70 -13.75
CA VAL A 79 -30.38 -0.52 -13.79
C VAL A 79 -29.70 0.68 -13.11
N HIS A 80 -28.97 0.42 -12.01
CA HIS A 80 -28.14 1.44 -11.34
C HIS A 80 -27.32 2.33 -12.33
N GLY A 81 -26.59 1.68 -13.25
CA GLY A 81 -25.73 2.34 -14.23
C GLY A 81 -26.49 3.33 -15.10
N VAL A 82 -27.71 2.98 -15.49
CA VAL A 82 -28.51 3.79 -16.36
C VAL A 82 -28.93 5.11 -15.65
N TYR A 83 -29.43 4.99 -14.42
CA TYR A 83 -29.81 6.15 -13.66
C TYR A 83 -28.58 7.04 -13.33
N ARG A 84 -27.48 6.39 -12.96
CA ARG A 84 -26.28 7.11 -12.64
C ARG A 84 -25.78 7.91 -13.83
N ALA A 85 -25.86 7.35 -15.04
CA ALA A 85 -25.44 8.08 -16.25
C ALA A 85 -26.27 9.32 -16.50
N ILE A 86 -27.52 9.31 -16.04
CA ILE A 86 -28.39 10.48 -16.14
C ILE A 86 -27.88 11.64 -15.27
N VAL A 87 -27.48 11.37 -14.04
CA VAL A 87 -27.17 12.46 -13.09
C VAL A 87 -25.66 12.80 -12.96
N GLU A 88 -24.79 11.91 -13.41
CA GLU A 88 -23.36 12.11 -13.27
C GLU A 88 -22.82 13.41 -13.92
N PRO A 89 -23.29 13.81 -15.12
CA PRO A 89 -22.77 15.12 -15.58
C PRO A 89 -23.19 16.30 -14.69
N TRP A 90 -24.40 16.29 -14.16
CA TRP A 90 -24.84 17.29 -13.21
C TRP A 90 -23.92 17.35 -11.96
N PHE A 91 -23.57 16.18 -11.42
CA PHE A 91 -22.67 16.11 -10.29
C PHE A 91 -21.20 16.47 -10.54
N LYS A 92 -20.78 16.54 -11.83
CA LYS A 92 -19.41 16.95 -12.17
C LYS A 92 -19.28 18.48 -12.40
N ARG A 93 -20.39 19.19 -12.42
CA ARG A 93 -20.37 20.65 -12.53
C ARG A 93 -19.39 21.43 -11.58
N PRO A 94 -19.21 20.99 -10.31
CA PRO A 94 -18.27 21.70 -9.43
C PRO A 94 -16.82 21.77 -9.96
N LEU A 95 -16.53 21.03 -11.02
CA LEU A 95 -15.21 21.13 -11.65
C LEU A 95 -15.08 22.38 -12.54
N GLN A 96 -16.15 23.13 -12.75
CA GLN A 96 -16.09 24.32 -13.60
C GLN A 96 -15.45 25.51 -12.87
N ALA A 97 -14.62 26.25 -13.58
CA ALA A 97 -14.01 27.51 -13.06
C ALA A 97 -15.03 28.43 -12.41
N GLU A 98 -16.14 28.65 -13.10
CA GLU A 98 -17.12 29.62 -12.70
C GLU A 98 -17.86 29.23 -11.39
N TYR A 99 -18.24 27.96 -11.28
CA TYR A 99 -18.77 27.38 -10.04
C TYR A 99 -17.75 27.52 -8.91
N GLN A 100 -16.48 27.27 -9.21
CA GLN A 100 -15.47 27.41 -8.19
C GLN A 100 -15.25 28.86 -7.71
N GLU A 101 -15.42 29.84 -8.60
CA GLU A 101 -15.28 31.25 -8.19
C GLU A 101 -16.37 31.62 -7.22
N LYS A 102 -17.61 31.20 -7.52
CA LYS A 102 -18.74 31.54 -6.67
C LYS A 102 -18.58 30.85 -5.30
N LEU A 103 -18.10 29.62 -5.30
CA LEU A 103 -17.86 28.91 -4.06
C LEU A 103 -16.71 29.59 -3.29
N THR A 104 -15.65 30.03 -3.98
CA THR A 104 -14.56 30.77 -3.29
C THR A 104 -15.07 32.06 -2.65
N ALA A 105 -15.91 32.82 -3.33
CA ALA A 105 -16.50 34.01 -2.71
C ALA A 105 -17.38 33.71 -1.46
N GLN A 106 -18.15 32.63 -1.46
CA GLN A 106 -18.98 32.29 -0.34
C GLN A 106 -18.11 31.92 0.84
N ILE A 107 -17.06 31.14 0.60
CA ILE A 107 -16.26 30.62 1.71
C ILE A 107 -15.38 31.73 2.31
N SER A 108 -14.88 32.58 1.43
CA SER A 108 -14.08 33.72 1.78
C SER A 108 -14.91 34.73 2.61
N GLU A 109 -16.11 35.07 2.15
CA GLU A 109 -17.02 35.89 2.95
C GLU A 109 -17.29 35.32 4.35
N ILE A 110 -17.53 34.01 4.46
CA ILE A 110 -17.88 33.50 5.76
C ILE A 110 -16.69 33.47 6.70
N VAL A 111 -15.49 33.23 6.14
CA VAL A 111 -14.25 33.33 6.92
C VAL A 111 -13.97 34.77 7.44
N GLU A 112 -14.13 35.81 6.61
CA GLU A 112 -14.04 37.22 7.07
C GLU A 112 -15.05 37.58 8.17
N GLU A 113 -16.30 37.17 8.02
CA GLU A 113 -17.34 37.40 9.02
C GLU A 113 -16.89 36.77 10.34
N THR A 114 -16.38 35.55 10.28
CA THR A 114 -15.98 34.84 11.48
C THR A 114 -14.77 35.51 12.18
N LEU A 115 -13.85 36.09 11.39
CA LEU A 115 -12.73 36.83 11.95
C LEU A 115 -13.16 38.12 12.65
N LEU A 116 -14.26 38.72 12.19
CA LEU A 116 -14.86 39.87 12.88
C LEU A 116 -15.56 39.49 14.18
N LYS A 117 -16.32 38.39 14.20
CA LYS A 117 -17.08 38.01 15.42
C LYS A 117 -16.09 37.50 16.50
N GLY A 118 -14.84 37.22 16.09
CA GLY A 118 -13.83 36.68 17.02
C GLY A 118 -13.99 35.19 17.37
N SER A 119 -14.98 34.87 18.20
CA SER A 119 -15.30 33.48 18.55
C SER A 119 -16.68 33.05 17.96
N VAL A 120 -16.82 31.79 17.52
CA VAL A 120 -18.10 31.27 17.00
C VAL A 120 -18.31 29.79 17.31
N GLU A 121 -19.56 29.39 17.34
CA GLU A 121 -19.95 28.01 17.49
C GLU A 121 -19.92 27.39 16.06
N VAL A 122 -18.86 26.62 15.77
CA VAL A 122 -18.57 26.14 14.41
C VAL A 122 -19.62 25.25 13.71
N VAL A 123 -20.16 24.26 14.42
CA VAL A 123 -21.20 23.40 13.85
C VAL A 123 -22.41 24.16 13.29
N THR A 124 -22.99 25.08 14.05
CA THR A 124 -24.15 25.82 13.53
C THR A 124 -23.80 27.12 12.82
N ASP A 125 -22.91 27.93 13.41
CA ASP A 125 -22.68 29.27 12.88
C ASP A 125 -21.75 29.29 11.69
N PHE A 126 -20.99 28.22 11.49
CA PHE A 126 -20.03 28.17 10.41
C PHE A 126 -20.31 27.00 9.45
N ALA A 127 -20.17 25.75 9.91
CA ALA A 127 -20.29 24.59 9.06
C ALA A 127 -21.67 24.46 8.37
N LEU A 128 -22.76 24.62 9.11
CA LEU A 128 -24.11 24.52 8.53
C LEU A 128 -24.38 25.63 7.52
N ARG A 129 -23.88 26.83 7.76
CA ARG A 129 -24.04 27.92 6.81
C ARG A 129 -23.26 27.62 5.53
N LEU A 130 -22.03 27.14 5.66
CA LEU A 130 -21.18 26.92 4.50
C LEU A 130 -21.81 25.82 3.59
N GLN A 131 -22.21 24.71 4.21
CA GLN A 131 -22.90 23.61 3.53
C GLN A 131 -24.22 24.01 2.83
N SER A 132 -25.11 24.72 3.53
CA SER A 132 -26.35 25.21 2.93
C SER A 132 -26.13 26.12 1.76
N ARG A 133 -25.21 27.07 1.91
CA ARG A 133 -24.94 27.96 0.76
C ARG A 133 -24.27 27.25 -0.44
N ALA A 134 -23.32 26.34 -0.18
CA ALA A 134 -22.64 25.64 -1.24
C ALA A 134 -23.66 24.82 -2.02
N LEU A 135 -24.65 24.26 -1.30
CA LEU A 135 -25.63 23.40 -1.92
C LEU A 135 -26.48 24.17 -2.91
N THR A 136 -26.63 25.50 -2.74
CA THR A 136 -27.37 26.26 -3.76
C THR A 136 -26.70 26.27 -5.14
N LEU A 137 -25.36 26.21 -5.15
CA LEU A 137 -24.60 26.11 -6.41
C LEU A 137 -24.83 24.75 -7.07
N LEU A 138 -24.79 23.67 -6.29
CA LEU A 138 -25.03 22.35 -6.83
C LEU A 138 -26.45 22.17 -7.43
N LEU A 139 -27.47 22.67 -6.73
CA LEU A 139 -28.83 22.60 -7.20
C LEU A 139 -29.19 23.68 -8.25
N ASN A 140 -28.37 24.73 -8.33
CA ASN A 140 -28.65 25.87 -9.18
C ASN A 140 -29.99 26.55 -8.88
N THR A 141 -30.24 26.74 -7.59
CA THR A 141 -31.40 27.51 -7.11
C THR A 141 -30.90 28.89 -6.65
N PRO A 142 -31.83 29.82 -6.38
CA PRO A 142 -31.38 31.11 -5.85
C PRO A 142 -30.72 30.96 -4.47
N PHE A 143 -29.71 31.80 -4.23
CA PHE A 143 -29.00 31.87 -2.95
C PHE A 143 -29.91 31.83 -1.72
N SER A 144 -31.03 32.56 -1.77
CA SER A 144 -31.90 32.74 -0.59
C SER A 144 -32.52 31.43 -0.07
N GLU A 145 -32.60 30.43 -0.93
CA GLU A 145 -33.16 29.16 -0.53
C GLU A 145 -32.36 28.53 0.61
N SER A 146 -31.09 28.93 0.74
CA SER A 146 -30.23 28.43 1.84
C SER A 146 -30.79 28.75 3.22
N GLU A 147 -31.60 29.82 3.34
CA GLU A 147 -32.13 30.22 4.66
C GLU A 147 -33.17 29.19 5.17
N THR A 148 -33.96 28.64 4.24
CA THR A 148 -34.87 27.57 4.58
C THR A 148 -34.11 26.38 5.11
N TRP A 149 -33.02 26.01 4.42
CA TRP A 149 -32.30 24.78 4.80
C TRP A 149 -31.58 24.98 6.11
N ILE A 150 -31.10 26.21 6.37
CA ILE A 150 -30.41 26.48 7.61
C ILE A 150 -31.33 26.30 8.83
N SER A 151 -32.59 26.73 8.67
CA SER A 151 -33.64 26.62 9.67
C SER A 151 -33.95 25.22 10.10
N TRP A 152 -33.77 24.23 9.23
CA TRP A 152 -33.98 22.86 9.62
C TRP A 152 -33.01 22.40 10.72
N GLY A 153 -31.86 23.05 10.87
CA GLY A 153 -30.91 22.70 11.92
C GLY A 153 -29.99 21.54 11.60
N THR A 154 -29.30 21.02 12.63
CA THR A 154 -28.24 20.00 12.46
C THR A 154 -28.51 18.76 13.31
N ASP A 165 -37.36 9.79 13.95
CA ASP A 165 -37.54 11.21 13.59
C ASP A 165 -38.67 11.48 12.52
N GLY A 166 -39.77 10.73 12.62
CA GLY A 166 -40.84 10.75 11.62
C GLY A 166 -41.34 12.10 11.12
N ASP A 167 -41.56 13.04 12.04
CA ASP A 167 -42.15 14.33 11.70
C ASP A 167 -41.17 15.28 10.99
N LYS A 168 -39.90 15.29 11.42
CA LYS A 168 -38.87 16.11 10.76
C LYS A 168 -38.63 15.58 9.34
N ALA A 169 -38.54 14.24 9.20
CA ALA A 169 -38.39 13.61 7.87
C ALA A 169 -39.42 14.17 6.88
N ASN A 170 -40.67 14.23 7.30
CA ASN A 170 -41.74 14.68 6.43
C ASN A 170 -41.64 16.14 6.05
N ILE A 171 -40.95 16.93 6.86
CA ILE A 171 -40.68 18.32 6.48
C ILE A 171 -39.88 18.35 5.18
N LEU A 172 -38.83 17.51 5.12
CA LEU A 172 -37.99 17.38 3.93
C LEU A 172 -38.77 16.84 2.74
N TYR A 173 -39.44 15.70 2.91
CA TYR A 173 -40.20 15.05 1.82
C TYR A 173 -41.26 15.96 1.23
N HIS A 174 -41.98 16.69 2.07
CA HIS A 174 -43.02 17.55 1.58
C HIS A 174 -42.42 18.77 0.88
N TYR A 175 -41.32 19.31 1.40
CA TYR A 175 -40.63 20.41 0.75
C TYR A 175 -40.17 20.04 -0.67
N ILE A 176 -39.56 18.83 -0.78
CA ILE A 176 -39.13 18.31 -2.08
C ILE A 176 -40.32 18.21 -3.06
N ASP A 177 -41.47 17.71 -2.60
CA ASP A 177 -42.72 17.59 -3.41
C ASP A 177 -43.15 18.94 -3.92
N GLU A 178 -43.12 19.96 -3.06
CA GLU A 178 -43.52 21.30 -3.47
C GLU A 178 -42.59 21.78 -4.58
N GLN A 179 -41.28 21.55 -4.41
CA GLN A 179 -40.30 22.00 -5.39
C GLN A 179 -40.49 21.29 -6.73
N ILE A 180 -40.70 19.97 -6.68
CA ILE A 180 -41.00 19.18 -7.88
C ILE A 180 -42.24 19.67 -8.63
N ASP A 181 -43.33 19.95 -7.90
CA ASP A 181 -44.54 20.51 -8.49
C ASP A 181 -44.30 21.88 -9.09
N ARG A 182 -43.59 22.75 -8.37
CA ARG A 182 -43.31 24.09 -8.90
C ARG A 182 -42.52 23.98 -10.22
N ALA A 183 -41.47 23.16 -10.26
CA ALA A 183 -40.63 23.04 -11.48
C ALA A 183 -41.40 22.39 -12.62
N SER A 184 -42.35 21.53 -12.24
CA SER A 184 -43.25 20.87 -13.16
C SER A 184 -44.11 21.88 -13.94
N GLU A 185 -44.68 22.87 -13.25
CA GLU A 185 -45.45 23.92 -13.87
C GLU A 185 -44.59 24.91 -14.67
N ASN A 186 -43.49 25.37 -14.07
CA ASN A 186 -42.60 26.34 -14.73
C ASN A 186 -41.15 25.85 -14.84
N PRO A 187 -40.87 25.02 -15.86
CA PRO A 187 -39.50 24.57 -16.04
C PRO A 187 -38.52 25.75 -16.09
N GLY A 188 -37.42 25.63 -15.34
CA GLY A 188 -36.28 26.56 -15.42
C GLY A 188 -35.01 25.74 -15.49
N ASP A 189 -33.95 26.15 -14.78
CA ASP A 189 -32.60 25.59 -14.92
C ASP A 189 -32.11 24.90 -13.69
N ASP A 190 -32.97 24.71 -12.70
CA ASP A 190 -32.55 24.11 -11.45
C ASP A 190 -32.50 22.58 -11.60
N MET A 191 -31.99 21.91 -10.58
CA MET A 191 -31.79 20.48 -10.67
C MET A 191 -33.12 19.72 -10.88
N TYR A 192 -34.19 20.17 -10.23
CA TYR A 192 -35.54 19.60 -10.39
C TYR A 192 -35.98 19.63 -11.86
N SER A 193 -35.91 20.80 -12.49
CA SER A 193 -36.29 20.95 -13.91
C SER A 193 -35.42 20.07 -14.78
N VAL A 194 -34.11 20.09 -14.57
CA VAL A 194 -33.23 19.20 -15.32
C VAL A 194 -33.60 17.70 -15.17
N LEU A 195 -33.96 17.26 -13.97
CA LEU A 195 -34.30 15.86 -13.81
C LEU A 195 -35.63 15.47 -14.48
N LEU A 196 -36.63 16.35 -14.35
CA LEU A 196 -37.95 16.15 -14.97
C LEU A 196 -37.87 16.03 -16.49
N ASN A 197 -36.88 16.70 -17.08
CA ASN A 197 -36.65 16.66 -18.50
C ASN A 197 -35.67 15.59 -18.96
N SER A 198 -35.17 14.77 -18.03
CA SER A 198 -34.18 13.76 -18.40
C SER A 198 -34.80 12.48 -18.86
N GLU A 199 -34.11 11.74 -19.73
CA GLU A 199 -34.63 10.46 -20.21
C GLU A 199 -34.08 9.18 -19.61
N PHE A 200 -34.99 8.29 -19.25
CA PHE A 200 -34.64 6.97 -18.81
C PHE A 200 -35.17 6.04 -19.88
N GLU A 201 -34.25 5.45 -20.65
CA GLU A 201 -34.63 4.47 -21.67
C GLU A 201 -35.78 5.00 -22.53
N GLY A 202 -35.56 6.19 -23.11
CA GLY A 202 -36.49 6.82 -24.03
C GLY A 202 -37.75 7.47 -23.48
N ARG A 203 -37.95 7.47 -22.16
CA ARG A 203 -39.06 8.22 -21.55
C ARG A 203 -38.60 9.16 -20.44
N LYS A 204 -39.40 10.19 -20.15
CA LYS A 204 -39.08 11.17 -19.11
C LYS A 204 -39.14 10.52 -17.76
N LEU A 205 -38.26 10.94 -16.85
CA LEU A 205 -38.35 10.53 -15.45
C LEU A 205 -39.69 10.94 -14.84
N THR A 206 -40.26 10.13 -13.95
CA THR A 206 -41.49 10.53 -13.22
C THR A 206 -41.16 11.36 -11.97
N LYS A 207 -42.15 12.06 -11.42
CA LYS A 207 -41.98 12.79 -10.18
C LYS A 207 -41.44 11.90 -9.07
N GLU A 208 -41.93 10.67 -9.02
CA GLU A 208 -41.50 9.74 -8.01
C GLU A 208 -39.98 9.46 -8.15
N GLU A 209 -39.49 9.32 -9.38
CA GLU A 209 -38.01 9.15 -9.58
C GLU A 209 -37.20 10.42 -9.23
N VAL A 210 -37.67 11.58 -9.67
CA VAL A 210 -37.07 12.84 -9.28
C VAL A 210 -37.00 12.96 -7.77
N LYS A 211 -38.08 12.61 -7.06
CA LYS A 211 -38.10 12.66 -5.58
C LYS A 211 -37.02 11.76 -4.95
N GLY A 212 -36.82 10.59 -5.53
CA GLY A 212 -35.76 9.69 -5.12
C GLY A 212 -34.33 10.22 -5.32
N VAL A 213 -34.10 10.98 -6.39
CA VAL A 213 -32.82 11.65 -6.62
C VAL A 213 -32.65 12.79 -5.61
N MET A 214 -33.68 13.59 -5.43
CA MET A 214 -33.57 14.81 -4.64
C MET A 214 -33.47 14.55 -3.14
N VAL A 215 -34.22 13.55 -2.64
CA VAL A 215 -34.18 13.25 -1.20
C VAL A 215 -32.78 12.74 -0.88
N LEU A 216 -32.25 11.90 -1.76
CA LEU A 216 -30.88 11.42 -1.63
C LEU A 216 -29.86 12.55 -1.69
N THR A 217 -30.09 13.54 -2.54
CA THR A 217 -29.15 14.63 -2.73
C THR A 217 -29.05 15.54 -1.47
N PHE A 218 -30.21 15.86 -0.87
CA PHE A 218 -30.26 16.58 0.39
C PHE A 218 -29.73 15.80 1.57
N ALA A 219 -30.17 14.55 1.74
CA ALA A 219 -29.77 13.78 2.91
C ALA A 219 -28.32 13.25 2.87
N GLY A 220 -27.80 12.94 1.68
CA GLY A 220 -26.48 12.36 1.52
C GLY A 220 -25.32 13.30 1.82
N GLY A 221 -25.56 14.60 1.68
CA GLY A 221 -24.48 15.53 1.78
C GLY A 221 -24.54 16.47 2.94
N ARG A 222 -25.54 16.35 3.80
CA ARG A 222 -25.73 17.32 4.91
C ARG A 222 -24.78 17.08 6.08
N ASP A 223 -25.02 16.00 6.82
CA ASP A 223 -24.20 15.62 7.98
C ASP A 223 -22.76 15.36 7.66
N THR A 224 -22.55 14.62 6.56
CA THR A 224 -21.17 14.32 6.10
C THR A 224 -20.35 15.61 5.87
N VAL A 225 -20.92 16.58 5.13
CA VAL A 225 -20.16 17.79 4.85
C VAL A 225 -19.93 18.61 6.11
N ILE A 226 -20.96 18.67 6.98
CA ILE A 226 -20.92 19.48 8.18
C ILE A 226 -19.81 18.96 9.11
N ASN A 227 -19.75 17.63 9.26
CA ASN A 227 -18.65 17.05 10.04
C ASN A 227 -17.28 17.20 9.38
N ALA A 228 -17.19 17.00 8.06
CA ALA A 228 -15.91 17.21 7.39
C ALA A 228 -15.40 18.64 7.64
N VAL A 229 -16.26 19.63 7.46
CA VAL A 229 -15.84 21.04 7.62
C VAL A 229 -15.38 21.32 9.05
N THR A 230 -16.25 20.99 10.00
CA THR A 230 -15.99 21.16 11.42
C THR A 230 -14.72 20.41 11.87
N ASN A 231 -14.58 19.13 11.54
CA ASN A 231 -13.39 18.37 11.94
C ASN A 231 -12.05 18.91 11.40
N SER A 232 -12.08 19.52 10.22
CA SER A 232 -10.91 20.12 9.60
C SER A 232 -10.44 21.33 10.37
N ILE A 233 -11.39 22.16 10.77
CA ILE A 233 -11.08 23.35 11.56
C ILE A 233 -10.50 22.95 12.93
N ALA A 234 -11.15 21.98 13.59
CA ALA A 234 -10.64 21.48 14.85
C ALA A 234 -9.18 21.04 14.68
N TYR A 235 -8.92 20.25 13.63
CA TYR A 235 -7.59 19.73 13.41
C TYR A 235 -6.57 20.87 13.14
N LEU A 236 -6.92 21.82 12.29
CA LEU A 236 -6.01 22.92 12.05
C LEU A 236 -5.78 23.75 13.32
N ALA A 237 -6.81 23.85 14.18
CA ALA A 237 -6.67 24.60 15.44
C ALA A 237 -5.55 24.05 16.34
N GLU A 238 -5.47 22.71 16.42
CA GLU A 238 -4.44 22.02 17.20
C GLU A 238 -3.13 21.71 16.43
N HIS A 239 -3.06 22.01 15.14
CA HIS A 239 -1.83 21.71 14.42
C HIS A 239 -1.32 22.90 13.64
N PRO A 240 -0.72 23.90 14.33
CA PRO A 240 -0.23 25.10 13.62
C PRO A 240 0.79 24.76 12.51
N GLU A 241 1.50 23.64 12.62
CA GLU A 241 2.48 23.28 11.60
C GLU A 241 1.83 22.86 10.25
N ALA A 242 0.64 22.23 10.35
CA ALA A 242 -0.18 21.91 9.18
C ALA A 242 -0.74 23.15 8.54
N LEU A 243 -1.24 24.08 9.34
CA LEU A 243 -1.76 25.32 8.75
C LEU A 243 -0.66 26.02 7.95
N GLU A 244 0.57 25.96 8.48
CA GLU A 244 1.76 26.56 7.87
C GLU A 244 2.20 25.85 6.58
N ARG A 245 2.23 24.52 6.59
CA ARG A 245 2.54 23.79 5.36
C ARG A 245 1.57 24.14 4.23
N LEU A 246 0.27 24.20 4.55
CA LEU A 246 -0.75 24.52 3.56
C LEU A 246 -0.58 25.92 3.01
N ARG A 247 -0.10 26.84 3.83
CA ARG A 247 0.10 28.20 3.34
C ARG A 247 1.29 28.25 2.40
N LYS A 248 2.37 27.57 2.76
CA LYS A 248 3.62 27.60 1.97
C LYS A 248 3.65 26.61 0.80
N GLU A 249 2.87 25.53 0.88
CA GLU A 249 2.84 24.52 -0.15
C GLU A 249 1.41 24.24 -0.65
N PRO A 250 0.80 25.21 -1.35
CA PRO A 250 -0.59 25.00 -1.76
C PRO A 250 -0.81 23.71 -2.61
N GLU A 251 0.21 23.29 -3.35
CA GLU A 251 0.17 22.06 -4.11
C GLU A 251 -0.22 20.78 -3.30
N ILE A 252 -0.03 20.75 -1.96
CA ILE A 252 -0.39 19.53 -1.20
C ILE A 252 -1.89 19.48 -0.81
N THR A 253 -2.65 20.52 -1.17
CA THR A 253 -4.01 20.69 -0.68
C THR A 253 -4.91 19.54 -1.07
N GLY A 254 -4.84 19.09 -2.33
CA GLY A 254 -5.64 17.96 -2.81
C GLY A 254 -5.45 16.69 -2.00
N ARG A 255 -4.19 16.37 -1.73
CA ARG A 255 -3.86 15.17 -1.00
C ARG A 255 -4.29 15.36 0.45
N ALA A 256 -4.15 16.59 0.96
CA ALA A 256 -4.61 16.94 2.31
C ALA A 256 -6.12 16.69 2.48
N VAL A 257 -6.91 17.02 1.48
CA VAL A 257 -8.35 16.73 1.52
C VAL A 257 -8.68 15.23 1.54
N GLU A 258 -8.01 14.45 0.69
CA GLU A 258 -8.21 13.00 0.70
C GLU A 258 -7.82 12.38 2.04
N GLU A 259 -6.74 12.88 2.64
CA GLU A 259 -6.26 12.36 3.92
C GLU A 259 -7.25 12.72 5.02
N MET A 260 -7.84 13.89 4.95
CA MET A 260 -8.89 14.21 5.91
C MET A 260 -10.18 13.37 5.74
N ILE A 261 -10.58 13.07 4.51
CA ILE A 261 -11.73 12.21 4.33
C ILE A 261 -11.41 10.78 4.81
N ARG A 262 -10.21 10.28 4.53
CA ARG A 262 -9.81 8.96 5.07
C ARG A 262 -9.88 8.91 6.62
N TYR A 263 -9.35 9.93 7.26
CA TYR A 263 -9.19 9.89 8.71
C TYR A 263 -10.53 10.20 9.42
N PHE A 264 -11.23 11.23 8.94
CA PHE A 264 -12.55 11.56 9.54
C PHE A 264 -13.66 10.58 9.15
N SER A 265 -13.54 9.98 7.96
CA SER A 265 -14.60 9.11 7.38
C SER A 265 -16.00 9.52 7.83
N PRO A 266 -16.45 10.71 7.40
CA PRO A 266 -17.70 11.26 7.91
C PRO A 266 -18.90 10.36 7.84
N LEU A 267 -18.91 9.40 6.90
CA LEU A 267 -19.98 8.39 6.84
C LEU A 267 -19.39 7.08 7.29
N THR A 268 -19.77 6.69 8.49
CA THR A 268 -19.10 5.60 9.19
C THR A 268 -19.26 4.27 8.51
N GLN A 269 -20.48 3.99 8.06
CA GLN A 269 -20.81 2.69 7.50
C GLN A 269 -22.09 2.82 6.70
N MET A 270 -22.35 1.82 5.87
CA MET A 270 -23.58 1.70 5.13
C MET A 270 -23.89 0.22 5.05
N GLY A 271 -25.17 -0.08 5.19
CA GLY A 271 -25.63 -1.45 5.10
C GLY A 271 -25.81 -1.98 3.69
N ARG A 272 -25.81 -3.32 3.61
CA ARG A 272 -26.28 -4.08 2.46
C ARG A 272 -27.21 -5.21 2.95
N VAL A 273 -28.09 -5.71 2.09
CA VAL A 273 -28.86 -6.90 2.42
C VAL A 273 -28.27 -8.14 1.75
N VAL A 274 -28.01 -9.17 2.57
CA VAL A 274 -27.40 -10.43 2.14
C VAL A 274 -28.46 -11.26 1.42
N THR A 275 -28.19 -11.63 0.17
CA THR A 275 -29.21 -12.33 -0.62
C THR A 275 -29.20 -13.84 -0.46
N GLU A 276 -28.03 -14.43 -0.16
CA GLU A 276 -27.89 -15.89 -0.03
C GLU A 276 -26.97 -16.19 1.15
N ASP A 277 -27.03 -17.41 1.70
CA ASP A 277 -26.07 -17.84 2.77
C ASP A 277 -24.62 -17.76 2.28
N THR A 278 -23.74 -17.20 3.12
CA THR A 278 -22.33 -17.06 2.73
C THR A 278 -21.42 -16.81 3.94
N HIS A 279 -20.12 -16.59 3.70
CA HIS A 279 -19.11 -16.37 4.75
C HIS A 279 -18.24 -15.14 4.49
N VAL A 280 -17.87 -14.43 5.56
CA VAL A 280 -16.86 -13.38 5.52
C VAL A 280 -16.00 -13.52 6.77
N CYS A 281 -14.68 -13.51 6.59
CA CYS A 281 -13.70 -13.91 7.63
C CYS A 281 -14.02 -15.24 8.33
N GLU A 282 -14.29 -16.31 7.56
CA GLU A 282 -14.71 -17.61 8.13
C GLU A 282 -16.01 -17.59 8.99
N HIS A 283 -16.77 -16.49 8.94
CA HIS A 283 -17.99 -16.31 9.76
C HIS A 283 -19.26 -16.35 8.92
N ALA A 284 -20.25 -17.13 9.35
CA ALA A 284 -21.45 -17.36 8.57
C ALA A 284 -22.36 -16.16 8.65
N VAL A 285 -22.90 -15.75 7.51
CA VAL A 285 -23.99 -14.75 7.49
C VAL A 285 -25.19 -15.33 6.71
N LYS A 286 -26.36 -15.28 7.33
CA LYS A 286 -27.54 -15.94 6.78
C LYS A 286 -28.26 -15.00 5.77
N ALA A 287 -28.88 -15.60 4.74
CA ALA A 287 -29.70 -14.87 3.76
C ALA A 287 -30.73 -14.01 4.45
N ASP A 288 -31.06 -12.91 3.81
CA ASP A 288 -32.00 -11.92 4.36
C ASP A 288 -31.51 -11.17 5.62
N SER A 289 -30.25 -11.32 6.04
CA SER A 289 -29.78 -10.43 7.11
C SER A 289 -29.03 -9.24 6.52
N ARG A 290 -28.64 -8.29 7.37
CA ARG A 290 -27.84 -7.14 6.93
C ARG A 290 -26.37 -7.26 7.35
N ILE A 291 -25.46 -6.91 6.45
CA ILE A 291 -24.07 -6.58 6.81
C ILE A 291 -23.88 -5.06 6.74
N SER A 292 -22.77 -4.54 7.27
CA SER A 292 -22.38 -3.16 6.97
C SER A 292 -20.97 -3.08 6.40
N LEU A 293 -20.77 -2.12 5.52
CA LEU A 293 -19.46 -1.79 4.97
C LEU A 293 -18.96 -0.68 5.87
N CYS A 294 -18.05 -1.00 6.79
CA CYS A 294 -17.62 -0.02 7.78
C CYS A 294 -16.40 0.75 7.29
N TRP A 295 -16.69 1.81 6.54
CA TRP A 295 -15.67 2.59 5.86
C TRP A 295 -14.65 3.16 6.85
N ALA A 296 -15.16 3.64 7.98
CA ALA A 296 -14.31 4.19 9.05
C ALA A 296 -13.21 3.22 9.50
N SER A 297 -13.56 1.94 9.62
CA SER A 297 -12.62 0.96 10.10
C SER A 297 -11.66 0.59 8.99
N ALA A 298 -12.17 0.47 7.76
CA ALA A 298 -11.33 0.06 6.64
C ALA A 298 -10.22 1.10 6.45
N ASN A 299 -10.56 2.37 6.71
CA ASN A 299 -9.67 3.50 6.52
C ASN A 299 -8.58 3.62 7.60
N ARG A 300 -8.55 2.64 8.52
CA ARG A 300 -7.54 2.63 9.58
C ARG A 300 -6.81 1.29 9.56
N ASP A 301 -7.08 0.47 8.56
CA ASP A 301 -6.53 -0.86 8.48
C ASP A 301 -4.99 -0.80 8.38
N ALA A 302 -4.32 -1.38 9.38
CA ALA A 302 -2.84 -1.24 9.50
C ALA A 302 -2.07 -2.09 8.47
N ALA A 303 -2.75 -2.98 7.77
CA ALA A 303 -2.17 -3.70 6.63
C ALA A 303 -2.15 -2.85 5.37
N VAL A 304 -2.89 -1.73 5.39
CA VAL A 304 -3.05 -0.92 4.18
C VAL A 304 -2.43 0.46 4.31
N PHE A 305 -2.57 1.12 5.47
CA PHE A 305 -2.08 2.50 5.61
C PHE A 305 -0.95 2.64 6.62
N GLU A 306 0.17 3.23 6.19
CA GLU A 306 1.22 3.59 7.14
C GLU A 306 0.71 4.70 8.08
N ASN A 307 1.03 4.59 9.36
CA ASN A 307 0.59 5.56 10.38
C ASN A 307 -0.92 5.83 10.26
N PRO A 308 -1.75 4.78 10.38
CA PRO A 308 -3.16 4.92 10.07
C PRO A 308 -3.91 5.88 11.01
N ASN A 309 -3.37 6.11 12.22
CA ASN A 309 -4.07 6.91 13.23
C ASN A 309 -3.56 8.32 13.36
N GLU A 310 -2.82 8.75 12.34
CA GLU A 310 -2.42 10.14 12.23
C GLU A 310 -2.87 10.69 10.89
N ILE A 311 -2.83 12.01 10.78
CA ILE A 311 -3.03 12.63 9.52
C ILE A 311 -1.66 12.90 8.91
N VAL A 312 -1.34 12.20 7.81
CA VAL A 312 -0.16 12.48 7.04
C VAL A 312 -0.61 13.38 5.89
N LEU A 313 -0.31 14.65 6.07
CA LEU A 313 -0.95 15.72 5.36
C LEU A 313 -0.78 15.67 3.85
N ASP A 314 0.36 15.15 3.39
CA ASP A 314 0.64 14.98 1.97
C ASP A 314 0.62 13.52 1.48
N ARG A 315 -0.03 12.60 2.22
CA ARG A 315 -0.05 11.16 1.84
C ARG A 315 -0.31 10.96 0.33
N LYS A 316 0.62 10.30 -0.40
CA LYS A 316 0.43 10.02 -1.85
C LYS A 316 -0.30 8.69 -2.09
N VAL A 317 0.01 7.70 -1.27
CA VAL A 317 -0.62 6.40 -1.39
C VAL A 317 -1.78 6.41 -0.41
N ASN A 318 -3.00 6.49 -0.92
CA ASN A 318 -4.19 6.68 -0.10
C ASN A 318 -5.38 6.04 -0.80
N PRO A 319 -5.45 4.68 -0.77
CA PRO A 319 -6.63 4.03 -1.38
C PRO A 319 -7.83 4.00 -0.41
N HIS A 320 -8.22 5.15 0.15
CA HIS A 320 -9.26 5.15 1.15
C HIS A 320 -10.63 4.84 0.56
N VAL A 321 -11.53 4.39 1.41
CA VAL A 321 -12.90 4.14 1.00
C VAL A 321 -13.91 5.10 1.67
N GLY A 322 -13.44 6.28 2.10
CA GLY A 322 -14.29 7.35 2.63
C GLY A 322 -15.48 7.78 1.77
N PHE A 323 -15.34 7.69 0.45
CA PHE A 323 -16.37 7.98 -0.53
C PHE A 323 -16.87 6.66 -1.13
N GLY A 324 -16.72 5.54 -0.39
CA GLY A 324 -17.21 4.24 -0.87
C GLY A 324 -16.28 3.61 -1.90
N PHE A 325 -16.80 2.64 -2.63
CA PHE A 325 -15.99 1.84 -3.53
C PHE A 325 -16.88 1.20 -4.55
N SER A 326 -16.37 1.16 -5.78
CA SER A 326 -17.03 0.48 -6.88
C SER A 326 -18.36 1.19 -7.20
N HIS A 327 -19.42 0.42 -7.46
CA HIS A 327 -20.66 0.94 -8.03
C HIS A 327 -21.22 2.18 -7.42
N HIS A 328 -21.36 2.18 -6.10
CA HIS A 328 -22.05 3.28 -5.44
C HIS A 328 -21.12 4.42 -4.96
N ASN A 329 -19.88 4.46 -5.46
CA ASN A 329 -18.93 5.51 -5.01
C ASN A 329 -19.62 6.88 -5.11
N CYS A 330 -19.42 7.66 -4.04
CA CYS A 330 -20.11 8.92 -3.80
C CYS A 330 -20.24 9.87 -5.00
N LEU A 331 -21.48 10.16 -5.43
CA LEU A 331 -21.63 11.18 -6.47
C LEU A 331 -21.30 12.62 -6.00
N GLY A 332 -21.49 12.89 -4.70
CA GLY A 332 -21.25 14.21 -4.15
C GLY A 332 -19.75 14.50 -3.93
N ALA A 333 -18.86 13.55 -4.24
CA ALA A 333 -17.42 13.70 -3.91
C ALA A 333 -16.75 14.90 -4.57
N THR A 334 -17.20 15.24 -5.77
CA THR A 334 -16.65 16.35 -6.50
C THR A 334 -17.00 17.65 -5.82
N HIS A 335 -18.27 17.81 -5.47
CA HIS A 335 -18.74 18.96 -4.66
C HIS A 335 -17.99 19.02 -3.30
N ALA A 336 -17.99 17.91 -2.58
CA ALA A 336 -17.32 17.85 -1.27
C ALA A 336 -15.83 18.22 -1.37
N ARG A 337 -15.14 17.65 -2.36
CA ARG A 337 -13.74 17.94 -2.52
C ARG A 337 -13.46 19.45 -2.75
N GLN A 338 -14.27 20.12 -3.58
CA GLN A 338 -14.02 21.54 -3.85
C GLN A 338 -14.27 22.38 -2.59
N ILE A 339 -15.29 22.02 -1.81
CA ILE A 339 -15.58 22.71 -0.57
C ILE A 339 -14.34 22.64 0.33
N LEU A 340 -13.77 21.46 0.50
CA LEU A 340 -12.66 21.32 1.43
C LEU A 340 -11.34 21.91 0.90
N LYS A 341 -11.08 21.79 -0.41
CA LYS A 341 -9.89 22.39 -1.00
C LYS A 341 -9.91 23.89 -0.70
N ILE A 342 -11.04 24.54 -0.99
CA ILE A 342 -11.15 26.00 -0.90
C ILE A 342 -11.12 26.48 0.56
N LEU A 343 -11.84 25.78 1.42
CA LEU A 343 -11.79 26.01 2.85
C LEU A 343 -10.34 26.00 3.35
N LEU A 344 -9.62 24.91 3.07
CA LEU A 344 -8.23 24.80 3.55
C LEU A 344 -7.35 25.96 3.07
N GLN A 345 -7.44 26.33 1.80
CA GLN A 345 -6.69 27.47 1.35
C GLN A 345 -7.15 28.79 1.98
N THR A 346 -8.45 28.99 2.16
CA THR A 346 -8.93 30.27 2.73
C THR A 346 -8.44 30.44 4.19
N LEU A 347 -8.51 29.38 4.97
CA LEU A 347 -7.97 29.41 6.30
C LEU A 347 -6.45 29.67 6.29
N ALA A 348 -5.72 28.95 5.44
CA ALA A 348 -4.26 29.12 5.38
C ALA A 348 -3.85 30.56 5.02
N GLN A 349 -4.59 31.22 4.14
CA GLN A 349 -4.18 32.53 3.69
C GLN A 349 -4.72 33.71 4.55
N LYS A 350 -5.53 33.44 5.56
CA LYS A 350 -6.32 34.48 6.23
C LYS A 350 -6.34 34.31 7.74
N VAL A 351 -6.09 33.10 8.24
CA VAL A 351 -6.13 32.87 9.68
C VAL A 351 -4.72 32.53 10.22
N ALA A 352 -4.27 33.29 11.22
CA ALA A 352 -2.97 33.02 11.89
C ALA A 352 -3.01 31.78 12.78
N SER A 353 -4.04 31.63 13.59
CA SER A 353 -4.14 30.48 14.51
C SER A 353 -5.56 30.45 15.05
N PHE A 354 -5.87 29.42 15.85
CA PHE A 354 -7.20 29.20 16.45
C PHE A 354 -7.06 28.80 17.93
N GLU A 355 -8.12 29.03 18.73
CA GLU A 355 -8.20 28.38 20.06
C GLU A 355 -9.55 27.71 20.21
N ILE A 356 -9.54 26.43 20.56
CA ILE A 356 -10.75 25.73 20.94
C ILE A 356 -11.17 26.11 22.36
N LEU A 357 -12.33 26.75 22.51
CA LEU A 357 -12.78 27.28 23.81
C LEU A 357 -13.68 26.38 24.65
N ASP A 358 -14.43 25.48 24.04
CA ASP A 358 -15.44 24.70 24.76
C ASP A 358 -16.13 23.80 23.75
N TYR A 359 -16.40 22.55 24.09
CA TYR A 359 -16.95 21.65 23.08
C TYR A 359 -17.75 20.53 23.67
N LYS A 360 -18.59 19.89 22.87
CA LYS A 360 -19.17 18.65 23.27
C LYS A 360 -19.13 17.69 22.07
N GLU A 361 -18.75 16.45 22.34
CA GLU A 361 -18.48 15.48 21.29
C GLU A 361 -19.73 14.80 20.80
N ASN A 362 -19.76 14.47 19.50
CA ASN A 362 -20.83 13.69 18.90
C ASN A 362 -20.38 12.24 18.77
N ILE A 363 -20.81 11.38 19.71
CA ILE A 363 -20.46 9.96 19.73
C ILE A 363 -21.56 9.12 19.14
N GLU A 364 -21.22 8.35 18.11
CA GLU A 364 -22.15 7.38 17.54
C GLU A 364 -22.21 6.10 18.34
N ASP A 365 -23.42 5.77 18.77
CA ASP A 365 -23.73 4.54 19.48
C ASP A 365 -23.88 3.37 18.50
N LEU A 366 -22.80 2.60 18.34
CA LEU A 366 -22.81 1.40 17.54
C LEU A 366 -22.72 0.13 18.39
N ASP A 367 -23.54 0.10 19.46
CA ASP A 367 -23.69 -1.08 20.34
C ASP A 367 -22.41 -1.40 21.14
N HIS A 368 -21.61 -2.36 20.68
CA HIS A 368 -20.28 -2.61 21.26
C HIS A 368 -19.26 -1.52 20.96
N PHE A 369 -19.57 -0.64 20.01
CA PHE A 369 -18.60 0.38 19.60
C PHE A 369 -19.16 1.77 19.82
N GLN A 370 -18.31 2.63 20.34
CA GLN A 370 -18.64 4.02 20.51
C GLN A 370 -17.67 4.82 19.62
N ARG A 371 -18.21 5.50 18.61
CA ARG A 371 -17.38 6.18 17.60
C ARG A 371 -17.57 7.70 17.53
N LYS A 372 -16.52 8.43 17.87
CA LYS A 372 -16.52 9.87 17.72
C LYS A 372 -16.59 10.17 16.22
N VAL A 373 -17.64 10.90 15.81
CA VAL A 373 -17.78 11.28 14.41
C VAL A 373 -17.53 12.77 14.27
N GLY A 374 -17.52 13.49 15.38
CA GLY A 374 -17.24 14.92 15.39
C GLY A 374 -17.74 15.60 16.66
N PHE A 375 -18.41 16.75 16.50
CA PHE A 375 -18.84 17.58 17.59
C PHE A 375 -20.31 17.97 17.49
N HIS A 376 -21.10 17.84 18.58
CA HIS A 376 -22.43 18.49 18.62
C HIS A 376 -22.24 20.00 18.60
N ASN A 377 -21.20 20.47 19.30
CA ASN A 377 -20.82 21.87 19.23
C ASN A 377 -19.38 22.04 19.64
N ILE A 378 -18.78 23.14 19.18
CA ILE A 378 -17.42 23.44 19.48
C ILE A 378 -17.23 24.91 19.17
N GLN A 379 -16.68 25.61 20.17
CA GLN A 379 -16.60 27.05 20.12
C GLN A 379 -15.16 27.34 19.79
N ILE A 380 -14.89 28.12 18.75
CA ILE A 380 -13.52 28.31 18.33
C ILE A 380 -13.24 29.77 18.03
N LYS A 381 -12.10 30.27 18.47
CA LYS A 381 -11.70 31.63 18.16
C LYS A 381 -10.77 31.68 16.95
N PHE A 382 -11.00 32.61 16.02
CA PHE A 382 -10.13 32.79 14.85
C PHE A 382 -9.30 34.07 15.01
N ASN A 383 -7.97 33.98 14.93
CA ASN A 383 -7.11 35.18 14.97
C ASN A 383 -6.58 35.46 13.58
N PRO A 384 -6.62 36.73 13.14
CA PRO A 384 -6.22 37.17 11.77
C PRO A 384 -4.73 37.20 11.46
N LEU A 385 -4.35 37.01 10.18
CA LEU A 385 -2.96 36.98 9.71
C LEU A 385 -2.76 38.28 8.97
N MET B 1 25.26 13.20 -3.40
CA MET B 1 24.53 12.09 -2.72
C MET B 1 25.36 11.44 -1.61
N LYS B 2 24.64 10.93 -0.61
CA LYS B 2 25.21 10.09 0.42
C LYS B 2 25.80 8.82 -0.21
N LYS B 3 26.69 8.18 0.52
CA LYS B 3 27.27 6.94 0.08
C LYS B 3 26.35 5.72 0.15
N SER B 4 25.49 5.65 1.15
CA SER B 4 24.47 4.61 1.22
C SER B 4 23.24 4.86 0.30
N GLU B 5 23.19 5.98 -0.40
CA GLU B 5 22.08 6.26 -1.28
C GLU B 5 22.21 5.50 -2.58
N LEU B 6 21.11 4.89 -2.99
CA LEU B 6 20.99 4.13 -4.22
C LEU B 6 19.85 4.75 -5.02
N PRO B 7 20.18 5.55 -6.05
CA PRO B 7 19.13 6.31 -6.75
C PRO B 7 18.30 5.38 -7.64
N ASP B 8 17.13 5.86 -8.08
CA ASP B 8 16.21 5.02 -8.85
C ASP B 8 16.37 5.46 -10.31
N PRO B 9 17.16 4.71 -11.11
CA PRO B 9 17.30 5.10 -12.51
C PRO B 9 16.04 4.85 -13.38
N PHE B 10 15.07 4.09 -12.86
CA PHE B 10 13.91 3.64 -13.64
C PHE B 10 12.67 4.54 -13.61
N GLU B 11 12.73 5.63 -12.83
CA GLU B 11 11.57 6.48 -12.53
C GLU B 11 10.82 7.01 -13.76
N LYS B 12 11.48 7.76 -14.63
CA LYS B 12 10.77 8.34 -15.76
C LYS B 12 10.14 7.22 -16.60
N ALA B 13 10.90 6.18 -16.95
CA ALA B 13 10.31 5.14 -17.79
C ALA B 13 9.16 4.40 -17.08
N ARG B 14 9.33 4.11 -15.79
CA ARG B 14 8.26 3.46 -15.01
C ARG B 14 6.99 4.26 -15.08
N GLU B 15 7.11 5.57 -14.86
CA GLU B 15 5.93 6.41 -14.84
C GLU B 15 5.30 6.68 -16.20
N SER B 16 6.12 6.89 -17.22
CA SER B 16 5.63 7.17 -18.58
C SER B 16 5.21 5.95 -19.42
N LYS B 17 6.10 4.98 -19.64
CA LYS B 17 5.76 3.84 -20.52
C LYS B 17 5.36 2.57 -19.73
N GLY B 18 5.98 2.37 -18.55
CA GLY B 18 5.82 1.14 -17.78
C GLY B 18 6.89 0.08 -18.06
N TYR B 19 7.73 0.28 -19.09
CA TYR B 19 8.79 -0.63 -19.43
C TYR B 19 10.03 0.08 -19.98
N GLY B 20 11.12 -0.67 -20.13
CA GLY B 20 12.40 -0.19 -20.65
C GLY B 20 13.02 -1.28 -21.50
N GLU B 21 14.15 -0.97 -22.13
CA GLU B 21 14.82 -1.95 -22.99
C GLU B 21 16.28 -1.94 -22.67
N MET B 22 16.89 -3.11 -22.73
CA MET B 22 18.35 -3.24 -22.76
C MET B 22 18.80 -4.39 -23.70
N ASN B 23 20.01 -4.29 -24.23
CA ASN B 23 20.64 -5.42 -24.91
C ASN B 23 21.55 -6.17 -23.97
N ASP B 24 21.52 -7.48 -24.14
CA ASP B 24 22.46 -8.33 -23.48
C ASP B 24 22.72 -9.43 -24.50
N GLN B 25 23.96 -9.46 -25.00
CA GLN B 25 24.44 -10.47 -25.94
C GLN B 25 23.44 -10.86 -27.04
N ASP B 26 22.93 -9.85 -27.75
CA ASP B 26 22.01 -10.03 -28.88
C ASP B 26 20.80 -10.85 -28.49
N ASP B 27 20.37 -10.72 -27.24
CA ASP B 27 19.15 -11.38 -26.79
C ASP B 27 18.34 -10.33 -26.03
N PRO B 28 17.72 -9.38 -26.77
CA PRO B 28 17.22 -8.15 -26.13
C PRO B 28 16.11 -8.38 -25.08
N VAL B 29 16.11 -7.50 -24.08
CA VAL B 29 15.23 -7.63 -22.93
C VAL B 29 14.24 -6.48 -22.87
N THR B 30 12.96 -6.81 -22.69
CA THR B 30 11.97 -5.82 -22.26
C THR B 30 11.76 -5.78 -20.71
N MET B 31 12.18 -4.71 -20.06
CA MET B 31 12.16 -4.61 -18.63
C MET B 31 10.80 -4.17 -18.10
N LEU B 32 10.17 -4.98 -17.26
CA LEU B 32 8.93 -4.58 -16.61
C LEU B 32 9.18 -3.80 -15.29
N LEU B 33 8.63 -2.59 -15.21
CA LEU B 33 9.03 -1.65 -14.18
C LEU B 33 8.00 -1.33 -13.08
N ARG B 34 6.73 -1.57 -13.37
CA ARG B 34 5.67 -1.26 -12.41
C ARG B 34 5.42 -2.44 -11.48
N HIS B 35 5.28 -2.13 -10.19
CA HIS B 35 4.94 -3.14 -9.16
C HIS B 35 3.77 -4.07 -9.56
N LYS B 36 2.69 -3.52 -10.08
CA LYS B 36 1.48 -4.29 -10.43
C LYS B 36 1.80 -5.33 -11.52
N ASP B 37 2.58 -4.89 -12.51
CA ASP B 37 2.97 -5.75 -13.64
C ASP B 37 3.99 -6.78 -13.29
N VAL B 38 4.93 -6.41 -12.43
CA VAL B 38 5.94 -7.37 -11.96
C VAL B 38 5.24 -8.54 -11.25
N ARG B 39 4.23 -8.27 -10.44
CA ARG B 39 3.51 -9.32 -9.72
C ARG B 39 2.71 -10.23 -10.64
N LYS B 40 1.91 -9.63 -11.53
CA LYS B 40 1.06 -10.40 -12.44
C LYS B 40 1.97 -11.28 -13.28
N SER B 41 3.08 -10.72 -13.76
CA SER B 41 3.95 -11.49 -14.65
C SER B 41 4.71 -12.59 -13.90
N ALA B 42 5.09 -12.33 -12.64
CA ALA B 42 5.83 -13.32 -11.86
C ALA B 42 4.92 -14.52 -11.60
N HIS B 43 3.64 -14.26 -11.50
CA HIS B 43 2.64 -15.26 -11.16
C HIS B 43 2.22 -16.14 -12.36
N ASN B 44 2.41 -15.62 -13.57
CA ASN B 44 1.93 -16.21 -14.79
C ASN B 44 3.09 -16.91 -15.48
N TYR B 45 3.40 -18.11 -14.98
CA TYR B 45 4.53 -18.88 -15.47
C TYR B 45 4.29 -19.50 -16.84
N LYS B 46 3.01 -19.64 -17.24
CA LYS B 46 2.68 -20.22 -18.53
C LYS B 46 3.17 -19.33 -19.65
N THR B 47 2.85 -18.05 -19.56
CA THR B 47 3.31 -17.05 -20.54
C THR B 47 4.77 -16.62 -20.34
N PHE B 48 5.20 -16.45 -19.08
CA PHE B 48 6.58 -16.02 -18.80
C PHE B 48 7.38 -17.08 -18.03
N GLN B 49 8.09 -17.89 -18.79
CA GLN B 49 8.55 -19.15 -18.25
C GLN B 49 9.97 -19.08 -17.75
N SER B 50 10.30 -19.95 -16.79
CA SER B 50 11.65 -20.07 -16.23
C SER B 50 12.39 -21.27 -16.76
N GLY B 51 11.66 -22.24 -17.28
CA GLY B 51 12.25 -23.50 -17.74
C GLY B 51 12.80 -23.40 -19.15
N ALA B 52 13.79 -22.52 -19.33
CA ALA B 52 14.39 -22.27 -20.61
C ALA B 52 15.75 -22.98 -20.73
N VAL B 53 16.45 -22.70 -21.84
CA VAL B 53 17.84 -23.16 -21.97
C VAL B 53 18.64 -22.66 -20.75
N PRO B 54 19.34 -23.59 -20.06
CA PRO B 54 20.10 -23.17 -18.86
C PRO B 54 20.92 -21.89 -19.10
N GLY B 55 20.75 -20.91 -18.21
CA GLY B 55 21.51 -19.67 -18.29
C GLY B 55 20.81 -18.54 -19.04
N ARG B 56 19.75 -18.88 -19.79
CA ARG B 56 19.10 -17.89 -20.61
C ARG B 56 18.30 -16.83 -19.82
N ILE B 57 17.68 -17.19 -18.69
CA ILE B 57 16.84 -16.20 -17.95
C ILE B 57 17.69 -15.21 -17.16
N VAL B 58 18.97 -15.55 -16.91
CA VAL B 58 19.86 -14.64 -16.20
C VAL B 58 20.23 -13.41 -17.04
N ILE B 59 20.43 -12.29 -16.39
CA ILE B 59 20.88 -11.05 -17.03
C ILE B 59 22.03 -10.43 -16.24
N PRO B 60 23.26 -10.50 -16.77
CA PRO B 60 23.52 -10.93 -18.15
C PRO B 60 23.41 -12.45 -18.37
N SER B 61 23.08 -12.84 -19.61
CA SER B 61 22.86 -14.23 -20.02
C SER B 61 24.07 -15.09 -19.70
N GLU B 62 23.84 -16.34 -19.30
CA GLU B 62 24.93 -17.23 -18.93
C GLU B 62 24.95 -18.46 -19.85
N VAL B 63 24.19 -18.43 -20.95
CA VAL B 63 24.15 -19.54 -21.92
C VAL B 63 25.56 -19.98 -22.36
N ASP B 64 26.50 -19.05 -22.46
CA ASP B 64 27.84 -19.39 -22.93
C ASP B 64 28.77 -19.95 -21.84
N ILE B 65 28.35 -19.88 -20.57
CA ILE B 65 29.27 -20.31 -19.50
C ILE B 65 28.79 -21.47 -18.68
N ARG B 66 27.59 -21.97 -18.96
CA ARG B 66 27.10 -23.14 -18.25
C ARG B 66 26.03 -23.89 -18.97
N ASP B 67 25.97 -25.19 -18.67
CA ASP B 67 25.14 -26.17 -19.33
C ASP B 67 24.11 -26.75 -18.37
N THR B 68 24.44 -26.74 -17.07
CA THR B 68 23.62 -27.38 -16.06
C THR B 68 22.40 -26.55 -15.65
N ARG B 69 21.23 -27.20 -15.68
CA ARG B 69 19.97 -26.57 -15.33
C ARG B 69 19.93 -26.34 -13.81
N GLN B 70 19.63 -25.12 -13.36
CA GLN B 70 19.56 -24.86 -11.94
C GLN B 70 18.18 -25.21 -11.43
N ILE B 71 18.12 -25.73 -10.21
CA ILE B 71 16.88 -26.29 -9.68
C ILE B 71 16.63 -25.76 -8.27
N PRO B 72 15.45 -25.22 -7.96
CA PRO B 72 14.25 -25.13 -8.84
C PRO B 72 14.18 -23.89 -9.75
N PHE B 73 15.22 -23.07 -9.72
CA PHE B 73 15.27 -21.78 -10.42
C PHE B 73 14.89 -21.82 -11.91
N GLU B 74 15.34 -22.84 -12.64
CA GLU B 74 15.09 -22.94 -14.08
C GLU B 74 14.13 -24.08 -14.41
N VAL B 75 13.06 -24.21 -13.63
CA VAL B 75 12.08 -25.30 -13.83
C VAL B 75 10.72 -24.69 -13.68
N ASP B 76 9.79 -25.08 -14.56
CA ASP B 76 8.40 -24.56 -14.43
C ASP B 76 7.50 -25.54 -13.68
N PRO B 77 6.39 -25.05 -13.06
CA PRO B 77 5.38 -26.02 -12.59
C PRO B 77 4.91 -26.92 -13.78
N PRO B 78 4.44 -28.17 -13.56
CA PRO B 78 4.25 -28.78 -12.23
C PRO B 78 5.49 -29.45 -11.67
N VAL B 79 6.56 -29.55 -12.44
CA VAL B 79 7.81 -30.16 -11.95
C VAL B 79 8.44 -29.30 -10.82
N HIS B 80 8.40 -27.99 -11.01
CA HIS B 80 8.89 -27.01 -10.01
C HIS B 80 8.42 -27.30 -8.58
N GLY B 81 7.12 -27.51 -8.39
CA GLY B 81 6.55 -27.73 -7.06
C GLY B 81 7.07 -28.99 -6.40
N VAL B 82 7.36 -30.03 -7.18
CA VAL B 82 7.91 -31.27 -6.61
C VAL B 82 9.32 -31.02 -6.02
N TYR B 83 10.20 -30.38 -6.79
CA TYR B 83 11.57 -30.10 -6.34
C TYR B 83 11.54 -29.11 -5.15
N ARG B 84 10.66 -28.12 -5.22
CA ARG B 84 10.52 -27.15 -4.17
C ARG B 84 10.12 -27.81 -2.85
N ALA B 85 9.18 -28.74 -2.91
CA ALA B 85 8.76 -29.46 -1.70
C ALA B 85 9.87 -30.31 -1.08
N ILE B 86 10.81 -30.76 -1.93
CA ILE B 86 11.96 -31.50 -1.42
C ILE B 86 12.88 -30.60 -0.59
N VAL B 87 13.16 -29.37 -1.06
CA VAL B 87 14.23 -28.55 -0.45
C VAL B 87 13.75 -27.51 0.54
N GLU B 88 12.49 -27.17 0.50
CA GLU B 88 11.94 -26.15 1.38
C GLU B 88 12.16 -26.41 2.89
N PRO B 89 11.96 -27.65 3.38
CA PRO B 89 12.33 -27.85 4.82
C PRO B 89 13.82 -27.60 5.14
N TRP B 90 14.73 -27.97 4.24
CA TRP B 90 16.15 -27.74 4.42
C TRP B 90 16.44 -26.22 4.54
N PHE B 91 15.81 -25.43 3.64
CA PHE B 91 15.98 -23.99 3.67
C PHE B 91 15.29 -23.26 4.85
N LYS B 92 14.41 -23.95 5.61
CA LYS B 92 13.76 -23.34 6.80
C LYS B 92 14.56 -23.62 8.10
N ARG B 93 15.60 -24.44 8.04
CA ARG B 93 16.49 -24.66 9.18
C ARG B 93 17.01 -23.42 9.94
N PRO B 94 17.31 -22.31 9.23
CA PRO B 94 17.75 -21.08 9.95
C PRO B 94 16.76 -20.54 10.99
N LEU B 95 15.54 -21.09 11.00
CA LEU B 95 14.58 -20.68 12.01
C LEU B 95 14.83 -21.38 13.36
N GLN B 96 15.75 -22.36 13.40
CA GLN B 96 16.02 -23.05 14.66
C GLN B 96 16.89 -22.20 15.63
N ALA B 97 16.57 -22.28 16.91
CA ALA B 97 17.38 -21.62 17.95
C ALA B 97 18.88 -21.94 17.85
N GLU B 98 19.19 -23.21 17.64
CA GLU B 98 20.57 -23.66 17.71
C GLU B 98 21.39 -23.11 16.51
N TYR B 99 20.80 -23.14 15.32
CA TYR B 99 21.37 -22.47 14.15
C TYR B 99 21.61 -20.96 14.41
N GLN B 100 20.62 -20.32 15.04
CA GLN B 100 20.76 -18.92 15.28
C GLN B 100 21.85 -18.58 16.32
N GLU B 101 22.09 -19.47 17.29
CA GLU B 101 23.16 -19.23 18.27
C GLU B 101 24.52 -19.29 17.59
N LYS B 102 24.72 -20.27 16.71
CA LYS B 102 26.00 -20.42 16.00
C LYS B 102 26.22 -19.22 15.06
N LEU B 103 25.14 -18.73 14.42
CA LEU B 103 25.27 -17.58 13.56
C LEU B 103 25.55 -16.33 14.42
N THR B 104 24.94 -16.20 15.60
CA THR B 104 25.20 -15.07 16.48
C THR B 104 26.66 -15.03 16.93
N ALA B 105 27.21 -16.21 17.29
CA ALA B 105 28.63 -16.26 17.67
C ALA B 105 29.60 -15.85 16.49
N GLN B 106 29.29 -16.28 15.26
CA GLN B 106 30.14 -15.94 14.15
C GLN B 106 30.09 -14.46 13.89
N ILE B 107 28.91 -13.84 13.98
CA ILE B 107 28.80 -12.44 13.58
C ILE B 107 29.41 -11.52 14.64
N SER B 108 29.23 -11.93 15.89
CA SER B 108 29.77 -11.25 17.03
C SER B 108 31.31 -11.30 16.98
N GLU B 109 31.88 -12.48 16.77
CA GLU B 109 33.33 -12.59 16.56
C GLU B 109 33.85 -11.71 15.42
N ILE B 110 33.16 -11.65 14.30
CA ILE B 110 33.68 -10.85 13.19
C ILE B 110 33.62 -9.35 13.48
N VAL B 111 32.57 -8.93 14.19
CA VAL B 111 32.48 -7.55 14.64
C VAL B 111 33.61 -7.16 15.66
N GLU B 112 33.90 -8.00 16.66
CA GLU B 112 35.05 -7.80 17.56
C GLU B 112 36.42 -7.73 16.84
N GLU B 113 36.65 -8.63 15.87
CA GLU B 113 37.89 -8.63 15.08
C GLU B 113 37.99 -7.27 14.40
N THR B 114 36.89 -6.80 13.80
CA THR B 114 36.92 -5.56 13.06
C THR B 114 37.17 -4.35 13.97
N LEU B 115 36.66 -4.37 15.21
CA LEU B 115 36.92 -3.31 16.19
C LEU B 115 38.38 -3.26 16.61
N LEU B 116 39.07 -4.41 16.64
CA LEU B 116 40.52 -4.45 16.83
C LEU B 116 41.31 -3.87 15.67
N LYS B 117 40.95 -4.23 14.42
CA LYS B 117 41.72 -3.80 13.23
C LYS B 117 41.51 -2.27 13.04
N GLY B 118 40.47 -1.72 13.68
CA GLY B 118 40.11 -0.29 13.51
C GLY B 118 39.41 0.05 12.18
N SER B 119 40.17 0.02 11.07
CA SER B 119 39.62 0.24 9.72
C SER B 119 39.66 -1.09 8.88
N VAL B 120 38.65 -1.34 8.04
CA VAL B 120 38.66 -2.50 7.13
C VAL B 120 37.99 -2.20 5.78
N GLU B 121 38.38 -2.96 4.78
CA GLU B 121 37.75 -2.94 3.49
C GLU B 121 36.53 -3.91 3.59
N VAL B 122 35.32 -3.32 3.72
CA VAL B 122 34.11 -4.07 4.05
C VAL B 122 33.67 -5.20 3.09
N VAL B 123 33.69 -4.93 1.77
CA VAL B 123 33.35 -5.94 0.78
C VAL B 123 34.15 -7.25 0.93
N THR B 124 35.47 -7.18 1.01
CA THR B 124 36.25 -8.44 1.11
C THR B 124 36.58 -8.86 2.53
N ASP B 125 36.96 -7.92 3.39
CA ASP B 125 37.42 -8.30 4.74
C ASP B 125 36.31 -8.56 5.71
N PHE B 126 35.12 -8.04 5.42
CA PHE B 126 34.00 -8.21 6.34
C PHE B 126 32.82 -8.99 5.69
N ALA B 127 32.21 -8.42 4.65
CA ALA B 127 31.01 -9.03 4.04
C ALA B 127 31.26 -10.44 3.48
N LEU B 128 32.34 -10.63 2.71
CA LEU B 128 32.68 -11.95 2.13
C LEU B 128 32.96 -12.99 3.19
N ARG B 129 33.63 -12.60 4.29
CA ARG B 129 33.89 -13.55 5.37
C ARG B 129 32.61 -13.96 6.05
N LEU B 130 31.73 -12.99 6.34
CA LEU B 130 30.52 -13.27 7.09
C LEU B 130 29.59 -14.21 6.26
N GLN B 131 29.41 -13.89 4.97
CA GLN B 131 28.67 -14.72 4.02
C GLN B 131 29.19 -16.17 3.87
N SER B 132 30.49 -16.33 3.66
CA SER B 132 31.11 -17.66 3.58
C SER B 132 30.92 -18.45 4.85
N ARG B 133 31.16 -17.85 6.01
CA ARG B 133 30.96 -18.63 7.23
C ARG B 133 29.49 -18.99 7.51
N ALA B 134 28.57 -18.07 7.24
CA ALA B 134 27.18 -18.33 7.50
C ALA B 134 26.74 -19.49 6.62
N LEU B 135 27.26 -19.53 5.40
CA LEU B 135 26.87 -20.55 4.45
C LEU B 135 27.26 -21.95 4.95
N THR B 136 28.29 -22.08 5.80
CA THR B 136 28.59 -23.42 6.38
C THR B 136 27.47 -23.98 7.26
N LEU B 137 26.73 -23.10 7.93
CA LEU B 137 25.56 -23.50 8.71
C LEU B 137 24.43 -24.01 7.82
N LEU B 138 24.14 -23.30 6.74
CA LEU B 138 23.11 -23.70 5.81
C LEU B 138 23.39 -25.04 5.13
N LEU B 139 24.65 -25.26 4.73
CA LEU B 139 25.05 -26.51 4.13
C LEU B 139 25.30 -27.63 5.15
N ASN B 140 25.54 -27.26 6.41
CA ASN B 140 25.95 -28.19 7.45
C ASN B 140 27.23 -28.94 7.13
N THR B 141 28.22 -28.22 6.61
CA THR B 141 29.58 -28.71 6.44
C THR B 141 30.47 -28.19 7.57
N PRO B 142 31.71 -28.70 7.68
CA PRO B 142 32.58 -28.12 8.72
C PRO B 142 32.91 -26.64 8.45
N PHE B 143 33.04 -25.86 9.52
CA PHE B 143 33.44 -24.44 9.47
C PHE B 143 34.60 -24.13 8.51
N SER B 144 35.64 -24.97 8.52
CA SER B 144 36.88 -24.70 7.74
C SER B 144 36.66 -24.64 6.22
N GLU B 145 35.58 -25.25 5.73
CA GLU B 145 35.29 -25.19 4.32
C GLU B 145 35.11 -23.74 3.82
N SER B 146 34.73 -22.85 4.73
CA SER B 146 34.62 -21.41 4.40
C SER B 146 35.90 -20.77 3.86
N GLU B 147 37.07 -21.33 4.22
CA GLU B 147 38.36 -20.78 3.76
C GLU B 147 38.56 -20.96 2.26
N THR B 148 38.10 -22.08 1.74
CA THR B 148 38.10 -22.31 0.31
C THR B 148 37.22 -21.28 -0.38
N TRP B 149 36.03 -21.03 0.17
CA TRP B 149 35.08 -20.12 -0.51
C TRP B 149 35.56 -18.71 -0.43
N ILE B 150 36.24 -18.34 0.67
CA ILE B 150 36.73 -16.98 0.81
C ILE B 150 37.81 -16.67 -0.23
N SER B 151 38.68 -17.66 -0.47
CA SER B 151 39.76 -17.59 -1.42
C SER B 151 39.30 -17.44 -2.87
N TRP B 152 38.09 -17.84 -3.22
CA TRP B 152 37.59 -17.54 -4.56
C TRP B 152 37.52 -16.02 -4.85
N GLY B 153 37.37 -15.21 -3.80
CA GLY B 153 37.16 -13.76 -4.02
C GLY B 153 35.69 -13.42 -4.25
N THR B 154 35.43 -12.14 -4.53
CA THR B 154 34.06 -11.56 -4.44
C THR B 154 32.93 -12.21 -5.31
N HIS B 155 33.03 -11.99 -6.61
CA HIS B 155 32.07 -12.54 -7.57
C HIS B 155 32.57 -13.94 -8.02
N VAL B 156 31.73 -14.99 -7.88
CA VAL B 156 32.12 -16.37 -8.32
C VAL B 156 32.58 -16.42 -9.78
N PHE B 157 31.79 -15.78 -10.65
CA PHE B 157 32.02 -15.65 -12.09
C PHE B 157 32.76 -14.32 -12.45
N ARG B 158 33.85 -14.02 -11.71
CA ARG B 158 34.56 -12.69 -11.71
C ARG B 158 33.90 -11.54 -12.48
N ALA B 163 32.66 -8.20 -17.62
CA ALA B 163 32.49 -9.41 -18.43
C ALA B 163 32.59 -10.74 -17.64
N LEU B 164 31.66 -11.65 -17.95
CA LEU B 164 31.56 -12.97 -17.29
C LEU B 164 32.58 -14.00 -17.80
N ASP B 165 33.15 -14.76 -16.86
CA ASP B 165 34.37 -15.53 -17.14
C ASP B 165 34.16 -17.05 -17.10
N GLY B 166 34.19 -17.68 -18.27
CA GLY B 166 34.10 -19.14 -18.39
C GLY B 166 35.01 -19.97 -17.47
N ASP B 167 36.25 -19.54 -17.28
CA ASP B 167 37.23 -20.32 -16.49
C ASP B 167 36.98 -20.23 -14.99
N LYS B 168 36.60 -19.05 -14.47
CA LYS B 168 36.25 -18.91 -13.04
C LYS B 168 34.99 -19.72 -12.74
N ALA B 169 33.99 -19.63 -13.61
CA ALA B 169 32.76 -20.42 -13.48
C ALA B 169 33.08 -21.89 -13.22
N ASN B 170 33.98 -22.44 -14.02
CA ASN B 170 34.35 -23.86 -13.91
C ASN B 170 35.03 -24.22 -12.62
N ILE B 171 35.65 -23.24 -11.96
CA ILE B 171 36.16 -23.48 -10.62
C ILE B 171 35.03 -23.95 -9.68
N LEU B 172 33.91 -23.21 -9.71
CA LEU B 172 32.71 -23.55 -8.93
C LEU B 172 32.11 -24.90 -9.30
N TYR B 173 31.83 -25.06 -10.60
CA TYR B 173 31.19 -26.30 -11.10
C TYR B 173 32.00 -27.55 -10.76
N HIS B 174 33.30 -27.48 -10.91
CA HIS B 174 34.11 -28.62 -10.65
C HIS B 174 34.24 -28.90 -9.17
N TYR B 175 34.32 -27.84 -8.38
CA TYR B 175 34.28 -28.00 -6.91
C TYR B 175 33.01 -28.73 -6.43
N ILE B 176 31.85 -28.29 -6.95
CA ILE B 176 30.57 -28.92 -6.62
C ILE B 176 30.56 -30.43 -6.98
N ASP B 177 31.10 -30.79 -8.15
CA ASP B 177 31.20 -32.20 -8.61
C ASP B 177 32.01 -33.02 -7.64
N GLU B 178 33.15 -32.47 -7.22
CA GLU B 178 34.00 -33.16 -6.26
C GLU B 178 33.22 -33.38 -4.96
N GLN B 179 32.51 -32.36 -4.48
CA GLN B 179 31.71 -32.51 -3.25
C GLN B 179 30.62 -33.56 -3.36
N ILE B 180 29.91 -33.56 -4.48
CA ILE B 180 28.91 -34.59 -4.78
C ILE B 180 29.50 -36.00 -4.77
N ASP B 181 30.64 -36.19 -5.43
CA ASP B 181 31.37 -37.45 -5.41
C ASP B 181 31.81 -37.85 -3.99
N ARG B 182 32.36 -36.92 -3.22
CA ARG B 182 32.75 -37.23 -1.85
C ARG B 182 31.56 -37.70 -1.02
N ALA B 183 30.43 -37.00 -1.09
CA ALA B 183 29.23 -37.36 -0.29
C ALA B 183 28.65 -38.70 -0.74
N SER B 184 28.83 -38.95 -2.04
CA SER B 184 28.43 -40.18 -2.68
C SER B 184 29.13 -41.40 -2.09
N GLU B 185 30.44 -41.31 -1.87
CA GLU B 185 31.22 -42.36 -1.23
C GLU B 185 30.93 -42.51 0.24
N ASN B 186 30.93 -41.40 0.98
CA ASN B 186 30.70 -41.43 2.44
C ASN B 186 29.54 -40.56 2.88
N PRO B 187 28.29 -41.08 2.77
CA PRO B 187 27.14 -40.28 3.16
C PRO B 187 27.28 -39.75 4.58
N GLY B 188 27.02 -38.46 4.75
CA GLY B 188 26.99 -37.82 6.09
C GLY B 188 25.71 -37.01 6.21
N ASP B 189 25.78 -35.85 6.85
CA ASP B 189 24.60 -35.04 7.20
C ASP B 189 24.54 -33.71 6.48
N ASP B 190 25.42 -33.52 5.51
CA ASP B 190 25.52 -32.26 4.84
C ASP B 190 24.42 -32.16 3.74
N MET B 191 24.32 -30.99 3.10
CA MET B 191 23.25 -30.75 2.18
C MET B 191 23.33 -31.71 0.98
N TYR B 192 24.57 -31.96 0.49
CA TYR B 192 24.83 -32.93 -0.59
C TYR B 192 24.25 -34.31 -0.24
N SER B 193 24.60 -34.86 0.92
CA SER B 193 24.13 -36.18 1.34
C SER B 193 22.61 -36.20 1.44
N VAL B 194 22.03 -35.19 2.09
CA VAL B 194 20.57 -35.09 2.14
C VAL B 194 19.90 -35.06 0.74
N LEU B 195 20.49 -34.38 -0.23
CA LEU B 195 19.86 -34.34 -1.57
C LEU B 195 19.97 -35.67 -2.32
N LEU B 196 21.15 -36.31 -2.21
CA LEU B 196 21.42 -37.62 -2.82
C LEU B 196 20.48 -38.70 -2.30
N ASN B 197 20.04 -38.55 -1.05
CA ASN B 197 19.08 -39.46 -0.45
C ASN B 197 17.61 -39.06 -0.60
N SER B 198 17.33 -37.97 -1.28
CA SER B 198 15.97 -37.50 -1.45
C SER B 198 15.26 -38.14 -2.64
N GLU B 199 13.93 -38.20 -2.53
CA GLU B 199 13.10 -38.76 -3.59
C GLU B 199 12.25 -37.79 -4.37
N PHE B 200 12.22 -37.97 -5.69
CA PHE B 200 11.31 -37.21 -6.54
C PHE B 200 10.17 -38.17 -6.95
N GLU B 201 9.05 -38.06 -6.25
CA GLU B 201 7.94 -38.98 -6.46
C GLU B 201 8.39 -40.44 -6.61
N GLY B 202 9.11 -40.93 -5.59
CA GLY B 202 9.57 -42.31 -5.52
C GLY B 202 10.79 -42.70 -6.35
N ARG B 203 11.49 -41.74 -6.92
CA ARG B 203 12.79 -41.99 -7.57
C ARG B 203 13.95 -41.17 -6.90
N LYS B 204 15.14 -41.73 -6.72
CA LYS B 204 16.25 -40.98 -6.11
C LYS B 204 16.67 -39.85 -7.04
N LEU B 205 17.05 -38.71 -6.45
CA LEU B 205 17.63 -37.62 -7.26
C LEU B 205 18.94 -38.07 -7.92
N THR B 206 19.21 -37.63 -9.14
CA THR B 206 20.48 -37.95 -9.82
C THR B 206 21.60 -36.94 -9.46
N LYS B 207 22.86 -37.28 -9.73
CA LYS B 207 23.96 -36.32 -9.48
C LYS B 207 23.71 -34.99 -10.18
N GLU B 208 23.19 -35.09 -11.40
CA GLU B 208 22.94 -33.96 -12.23
C GLU B 208 21.91 -33.05 -11.54
N GLU B 209 20.87 -33.62 -10.95
CA GLU B 209 19.89 -32.82 -10.18
C GLU B 209 20.49 -32.14 -8.91
N VAL B 210 21.24 -32.92 -8.12
CA VAL B 210 21.94 -32.39 -6.99
C VAL B 210 22.84 -31.20 -7.40
N LYS B 211 23.58 -31.37 -8.50
CA LYS B 211 24.44 -30.31 -9.00
C LYS B 211 23.67 -28.98 -9.33
N GLY B 212 22.48 -29.15 -9.89
CA GLY B 212 21.62 -28.02 -10.19
C GLY B 212 21.11 -27.28 -8.94
N VAL B 213 20.85 -28.02 -7.84
CA VAL B 213 20.49 -27.40 -6.57
C VAL B 213 21.70 -26.68 -5.99
N MET B 214 22.86 -27.33 -6.01
CA MET B 214 24.05 -26.82 -5.34
C MET B 214 24.68 -25.60 -6.02
N VAL B 215 24.71 -25.60 -7.36
CA VAL B 215 25.26 -24.45 -8.10
C VAL B 215 24.38 -23.24 -7.82
N LEU B 216 23.08 -23.45 -7.82
CA LEU B 216 22.16 -22.38 -7.47
C LEU B 216 22.33 -21.91 -6.02
N THR B 217 22.64 -22.83 -5.11
CA THR B 217 22.76 -22.52 -3.71
C THR B 217 24.02 -21.64 -3.42
N PHE B 218 25.13 -21.95 -4.10
CA PHE B 218 26.33 -21.10 -4.05
C PHE B 218 26.18 -19.78 -4.75
N ALA B 219 25.65 -19.80 -5.97
CA ALA B 219 25.64 -18.59 -6.79
C ALA B 219 24.52 -17.61 -6.41
N GLY B 220 23.37 -18.11 -5.98
CA GLY B 220 22.21 -17.24 -5.70
C GLY B 220 22.38 -16.43 -4.41
N GLY B 221 23.22 -16.93 -3.50
CA GLY B 221 23.36 -16.33 -2.22
C GLY B 221 24.60 -15.49 -1.99
N ARG B 222 25.53 -15.47 -2.95
CA ARG B 222 26.82 -14.85 -2.75
C ARG B 222 26.80 -13.31 -2.81
N ASP B 223 26.69 -12.76 -4.01
CA ASP B 223 26.69 -11.32 -4.24
C ASP B 223 25.53 -10.61 -3.59
N THR B 224 24.34 -11.22 -3.61
CA THR B 224 23.16 -10.62 -2.95
C THR B 224 23.43 -10.40 -1.45
N VAL B 225 23.92 -11.42 -0.75
CA VAL B 225 24.18 -11.25 0.69
C VAL B 225 25.31 -10.23 0.92
N ILE B 226 26.35 -10.30 0.10
CA ILE B 226 27.52 -9.44 0.20
C ILE B 226 27.10 -7.95 0.06
N ASN B 227 26.27 -7.63 -0.94
CA ASN B 227 25.74 -6.27 -1.08
C ASN B 227 24.79 -5.88 0.03
N ALA B 228 23.91 -6.80 0.46
CA ALA B 228 22.99 -6.44 1.56
C ALA B 228 23.84 -6.08 2.80
N VAL B 229 24.84 -6.89 3.14
CA VAL B 229 25.62 -6.66 4.37
C VAL B 229 26.39 -5.35 4.25
N THR B 230 27.15 -5.18 3.17
CA THR B 230 27.89 -3.97 2.89
C THR B 230 26.99 -2.72 2.86
N ASN B 231 25.88 -2.73 2.10
CA ASN B 231 25.01 -1.53 2.03
C ASN B 231 24.36 -1.14 3.37
N SER B 232 24.13 -2.11 4.25
CA SER B 232 23.60 -1.86 5.59
C SER B 232 24.58 -1.15 6.46
N ILE B 233 25.84 -1.54 6.39
CA ILE B 233 26.88 -0.88 7.16
C ILE B 233 27.07 0.57 6.66
N ALA B 234 27.13 0.75 5.35
CA ALA B 234 27.19 2.09 4.79
C ALA B 234 26.03 2.93 5.32
N TYR B 235 24.83 2.38 5.26
CA TYR B 235 23.66 3.13 5.73
C TYR B 235 23.74 3.47 7.25
N LEU B 236 24.12 2.51 8.08
CA LEU B 236 24.25 2.79 9.51
C LEU B 236 25.37 3.81 9.74
N ALA B 237 26.42 3.78 8.92
CA ALA B 237 27.56 4.69 9.08
C ALA B 237 27.12 6.16 8.95
N GLU B 238 26.21 6.44 8.00
CA GLU B 238 25.66 7.76 7.74
C GLU B 238 24.38 8.08 8.52
N HIS B 239 23.84 7.14 9.28
CA HIS B 239 22.61 7.47 9.99
C HIS B 239 22.69 7.10 11.46
N PRO B 240 23.40 7.93 12.25
CA PRO B 240 23.54 7.64 13.68
C PRO B 240 22.17 7.51 14.42
N GLU B 241 21.14 8.17 13.93
CA GLU B 241 19.84 8.10 14.59
C GLU B 241 19.16 6.70 14.43
N ALA B 242 19.44 6.04 13.30
CA ALA B 242 19.00 4.67 13.05
C ALA B 242 19.76 3.70 13.92
N LEU B 243 21.06 3.89 14.06
CA LEU B 243 21.84 2.97 14.91
C LEU B 243 21.28 3.01 16.32
N GLU B 244 20.89 4.21 16.75
CA GLU B 244 20.33 4.47 18.09
C GLU B 244 18.92 3.85 18.26
N ARG B 245 18.04 4.01 17.26
CA ARG B 245 16.73 3.37 17.34
C ARG B 245 16.84 1.84 17.49
N LEU B 246 17.75 1.24 16.73
CA LEU B 246 17.92 -0.21 16.78
C LEU B 246 18.44 -0.68 18.11
N ARG B 247 19.27 0.14 18.77
CA ARG B 247 19.77 -0.24 20.08
C ARG B 247 18.64 -0.16 21.11
N LYS B 248 17.82 0.89 21.03
CA LYS B 248 16.77 1.11 22.04
C LYS B 248 15.45 0.41 21.75
N GLU B 249 15.19 0.09 20.49
CA GLU B 249 13.94 -0.58 20.10
C GLU B 249 14.22 -1.87 19.30
N PRO B 250 14.77 -2.90 19.96
CA PRO B 250 15.12 -4.10 19.19
C PRO B 250 13.94 -4.72 18.42
N GLU B 251 12.73 -4.56 18.93
CA GLU B 251 11.52 -5.02 18.25
C GLU B 251 11.36 -4.54 16.76
N ILE B 252 11.98 -3.42 16.37
CA ILE B 252 11.79 -2.95 14.97
C ILE B 252 12.75 -3.60 13.96
N THR B 253 13.65 -4.46 14.45
CA THR B 253 14.72 -5.04 13.64
C THR B 253 14.18 -5.81 12.44
N GLY B 254 13.13 -6.63 12.63
CA GLY B 254 12.55 -7.40 11.51
C GLY B 254 12.04 -6.51 10.36
N ARG B 255 11.36 -5.44 10.72
CA ARG B 255 10.82 -4.54 9.73
C ARG B 255 11.98 -3.79 9.09
N ALA B 256 13.01 -3.47 9.90
CA ALA B 256 14.21 -2.78 9.41
C ALA B 256 14.92 -3.65 8.32
N VAL B 257 14.98 -4.96 8.52
CA VAL B 257 15.55 -5.84 7.50
C VAL B 257 14.76 -5.88 6.17
N GLU B 258 13.43 -5.98 6.27
CA GLU B 258 12.61 -5.95 5.08
C GLU B 258 12.75 -4.62 4.33
N GLU B 259 12.84 -3.52 5.06
CA GLU B 259 12.93 -2.20 4.45
C GLU B 259 14.29 -2.04 3.79
N MET B 260 15.33 -2.65 4.36
CA MET B 260 16.60 -2.63 3.65
C MET B 260 16.62 -3.50 2.38
N ILE B 261 15.97 -4.65 2.39
CA ILE B 261 15.93 -5.45 1.19
C ILE B 261 15.09 -4.73 0.13
N ARG B 262 13.98 -4.08 0.52
CA ARG B 262 13.17 -3.31 -0.44
C ARG B 262 14.02 -2.20 -1.12
N TYR B 263 14.76 -1.46 -0.32
CA TYR B 263 15.42 -0.26 -0.80
C TYR B 263 16.71 -0.63 -1.55
N PHE B 264 17.52 -1.55 -1.00
CA PHE B 264 18.72 -1.96 -1.69
C PHE B 264 18.46 -2.88 -2.89
N SER B 265 17.37 -3.64 -2.84
CA SER B 265 17.07 -4.69 -3.81
C SER B 265 18.34 -5.30 -4.40
N PRO B 266 19.11 -6.03 -3.57
CA PRO B 266 20.39 -6.60 -4.04
C PRO B 266 20.35 -7.34 -5.37
N LEU B 267 19.20 -7.92 -5.72
CA LEU B 267 19.03 -8.55 -7.04
C LEU B 267 18.11 -7.65 -7.86
N THR B 268 18.70 -6.97 -8.83
CA THR B 268 18.01 -5.92 -9.52
C THR B 268 16.82 -6.43 -10.35
N GLN B 269 17.03 -7.56 -11.02
CA GLN B 269 16.07 -8.04 -12.00
C GLN B 269 16.37 -9.50 -12.30
N MET B 270 15.40 -10.20 -12.87
CA MET B 270 15.55 -11.54 -13.34
C MET B 270 14.72 -11.70 -14.61
N GLY B 271 15.27 -12.41 -15.59
CA GLY B 271 14.58 -12.63 -16.86
C GLY B 271 13.59 -13.76 -16.84
N ARG B 272 12.71 -13.74 -17.82
CA ARG B 272 11.81 -14.83 -18.20
C ARG B 272 11.81 -14.94 -19.73
N VAL B 273 11.48 -16.12 -20.24
CA VAL B 273 11.24 -16.29 -21.68
C VAL B 273 9.75 -16.31 -22.01
N VAL B 274 9.36 -15.43 -22.95
CA VAL B 274 7.97 -15.26 -23.40
C VAL B 274 7.58 -16.47 -24.28
N THR B 275 6.54 -17.19 -23.91
CA THR B 275 6.25 -18.44 -24.63
C THR B 275 5.30 -18.24 -25.82
N GLU B 276 4.45 -17.21 -25.74
CA GLU B 276 3.48 -16.90 -26.80
C GLU B 276 3.46 -15.39 -27.00
N ASP B 277 2.99 -14.91 -28.15
CA ASP B 277 2.80 -13.45 -28.38
C ASP B 277 1.85 -12.85 -27.35
N THR B 278 2.22 -11.70 -26.78
CA THR B 278 1.38 -11.08 -25.75
C THR B 278 1.65 -9.57 -25.60
N HIS B 279 0.95 -8.94 -24.66
CA HIS B 279 1.10 -7.50 -24.37
C HIS B 279 1.33 -7.22 -22.88
N VAL B 280 2.18 -6.24 -22.59
CA VAL B 280 2.33 -5.68 -21.23
C VAL B 280 2.40 -4.17 -21.37
N CYS B 281 1.56 -3.46 -20.61
CA CYS B 281 1.33 -2.00 -20.77
C CYS B 281 1.12 -1.54 -22.22
N GLU B 282 0.17 -2.17 -22.92
CA GLU B 282 -0.09 -1.86 -24.35
C GLU B 282 1.08 -2.11 -25.31
N HIS B 283 2.13 -2.80 -24.86
CA HIS B 283 3.34 -3.01 -25.68
C HIS B 283 3.50 -4.48 -26.06
N ALA B 284 3.73 -4.74 -27.34
CA ALA B 284 3.77 -6.10 -27.85
C ALA B 284 5.09 -6.72 -27.52
N VAL B 285 5.06 -7.98 -27.05
CA VAL B 285 6.27 -8.80 -26.94
C VAL B 285 6.06 -10.12 -27.70
N LYS B 286 7.03 -10.48 -28.53
CA LYS B 286 6.89 -11.62 -29.42
C LYS B 286 7.36 -12.90 -28.70
N ALA B 287 6.77 -14.06 -29.07
CA ALA B 287 7.17 -15.38 -28.56
C ALA B 287 8.67 -15.59 -28.73
N ASP B 288 9.24 -16.36 -27.82
CA ASP B 288 10.67 -16.60 -27.73
C ASP B 288 11.59 -15.37 -27.44
N SER B 289 11.03 -14.21 -27.05
CA SER B 289 11.91 -13.13 -26.55
C SER B 289 11.99 -13.15 -25.01
N ARG B 290 12.85 -12.32 -24.43
CA ARG B 290 13.00 -12.21 -22.97
C ARG B 290 12.39 -10.91 -22.43
N ILE B 291 11.67 -11.02 -21.32
CA ILE B 291 11.34 -9.87 -20.49
C ILE B 291 12.20 -9.93 -19.21
N SER B 292 12.22 -8.85 -18.41
CA SER B 292 12.77 -8.97 -17.07
C SER B 292 11.78 -8.49 -16.02
N LEU B 293 11.83 -9.12 -14.85
CA LEU B 293 11.04 -8.71 -13.70
C LEU B 293 11.98 -7.81 -12.92
N CYS B 294 11.75 -6.50 -12.99
CA CYS B 294 12.69 -5.56 -12.42
C CYS B 294 12.31 -5.20 -11.01
N TRP B 295 12.75 -6.06 -10.08
CA TRP B 295 12.40 -5.95 -8.67
C TRP B 295 12.80 -4.58 -8.11
N ALA B 296 13.99 -4.09 -8.46
CA ALA B 296 14.48 -2.79 -7.96
C ALA B 296 13.51 -1.65 -8.30
N SER B 297 12.95 -1.67 -9.51
CA SER B 297 12.02 -0.62 -9.90
C SER B 297 10.66 -0.79 -9.19
N ALA B 298 10.19 -2.02 -9.08
CA ALA B 298 8.89 -2.28 -8.49
C ALA B 298 8.88 -1.81 -7.05
N ASN B 299 10.06 -1.97 -6.39
CA ASN B 299 10.26 -1.62 -4.98
C ASN B 299 10.32 -0.12 -4.74
N ARG B 300 10.16 0.68 -5.78
CA ARG B 300 10.20 2.14 -5.65
C ARG B 300 8.94 2.74 -6.24
N ASP B 301 7.97 1.89 -6.59
CA ASP B 301 6.77 2.32 -7.26
C ASP B 301 5.99 3.27 -6.35
N ALA B 302 5.80 4.51 -6.83
CA ALA B 302 5.20 5.57 -6.01
C ALA B 302 3.69 5.41 -5.78
N ALA B 303 3.04 4.51 -6.49
CA ALA B 303 1.64 4.18 -6.23
C ALA B 303 1.52 3.18 -5.08
N VAL B 304 2.64 2.59 -4.66
CA VAL B 304 2.59 1.45 -3.72
C VAL B 304 3.28 1.78 -2.40
N PHE B 305 4.42 2.48 -2.45
CA PHE B 305 5.16 2.80 -1.20
C PHE B 305 5.20 4.29 -0.87
N GLU B 306 4.74 4.67 0.33
CA GLU B 306 4.96 6.03 0.77
C GLU B 306 6.48 6.30 0.95
N ASN B 307 6.94 7.48 0.52
CA ASN B 307 8.37 7.84 0.62
C ASN B 307 9.26 6.71 0.04
N PRO B 308 9.04 6.36 -1.23
CA PRO B 308 9.70 5.17 -1.77
C PRO B 308 11.24 5.26 -1.82
N ASN B 309 11.80 6.48 -1.80
CA ASN B 309 13.24 6.66 -1.98
C ASN B 309 13.95 6.98 -0.68
N GLU B 310 13.28 6.68 0.43
CA GLU B 310 13.89 6.74 1.73
C GLU B 310 13.78 5.42 2.42
N ILE B 311 14.61 5.23 3.45
CA ILE B 311 14.48 4.09 4.30
C ILE B 311 13.63 4.51 5.49
N VAL B 312 12.43 3.95 5.57
CA VAL B 312 11.56 4.13 6.71
C VAL B 312 11.76 2.90 7.57
N LEU B 313 12.52 3.11 8.63
CA LEU B 313 13.19 2.05 9.37
C LEU B 313 12.25 1.03 9.97
N ASP B 314 11.08 1.49 10.36
CA ASP B 314 10.04 0.62 10.94
C ASP B 314 8.83 0.37 9.98
N ARG B 315 8.99 0.54 8.66
CA ARG B 315 7.84 0.47 7.72
C ARG B 315 6.96 -0.76 8.01
N LYS B 316 5.65 -0.57 8.31
CA LYS B 316 4.75 -1.72 8.57
C LYS B 316 4.11 -2.28 7.30
N VAL B 317 3.73 -1.38 6.41
CA VAL B 317 3.14 -1.80 5.15
C VAL B 317 4.29 -1.86 4.14
N ASN B 318 4.68 -3.06 3.75
CA ASN B 318 5.90 -3.26 2.95
C ASN B 318 5.72 -4.50 2.08
N PRO B 319 4.91 -4.40 1.01
CA PRO B 319 4.76 -5.58 0.13
C PRO B 319 5.89 -5.65 -0.93
N HIS B 320 7.14 -5.58 -0.52
CA HIS B 320 8.22 -5.49 -1.51
C HIS B 320 8.41 -6.80 -2.27
N VAL B 321 9.05 -6.71 -3.42
CA VAL B 321 9.39 -7.91 -4.18
C VAL B 321 10.90 -8.17 -4.26
N GLY B 322 11.67 -7.64 -3.27
CA GLY B 322 13.10 -7.91 -3.15
C GLY B 322 13.52 -9.38 -3.15
N PHE B 323 12.64 -10.26 -2.63
CA PHE B 323 12.81 -11.69 -2.61
C PHE B 323 11.87 -12.35 -3.62
N GLY B 324 11.49 -11.61 -4.65
CA GLY B 324 10.65 -12.15 -5.75
C GLY B 324 9.20 -12.26 -5.36
N PHE B 325 8.45 -13.09 -6.08
CA PHE B 325 7.01 -13.15 -5.86
C PHE B 325 6.49 -14.44 -6.44
N SER B 326 5.53 -15.03 -5.74
CA SER B 326 4.83 -16.23 -6.17
C SER B 326 5.81 -17.41 -6.28
N HIS B 327 5.68 -18.23 -7.32
CA HIS B 327 6.39 -19.51 -7.46
C HIS B 327 7.83 -19.55 -7.05
N HIS B 328 8.63 -18.63 -7.62
CA HIS B 328 10.07 -18.70 -7.43
C HIS B 328 10.58 -17.84 -6.25
N ASN B 329 9.70 -17.41 -5.35
CA ASN B 329 10.12 -16.53 -4.26
C ASN B 329 11.31 -17.15 -3.55
N CYS B 330 12.30 -16.30 -3.28
CA CYS B 330 13.62 -16.70 -2.76
C CYS B 330 13.62 -17.78 -1.66
N LEU B 331 14.21 -18.94 -1.93
CA LEU B 331 14.37 -19.93 -0.87
C LEU B 331 15.38 -19.51 0.22
N GLY B 332 16.38 -18.70 -0.17
CA GLY B 332 17.42 -18.28 0.75
C GLY B 332 16.97 -17.18 1.71
N ALA B 333 15.75 -16.66 1.54
CA ALA B 333 15.27 -15.50 2.34
C ALA B 333 15.34 -15.69 3.85
N THR B 334 15.07 -16.91 4.34
CA THR B 334 15.11 -17.18 5.76
C THR B 334 16.53 -17.04 6.29
N HIS B 335 17.48 -17.65 5.59
CA HIS B 335 18.91 -17.51 5.91
C HIS B 335 19.36 -16.02 5.84
N ALA B 336 19.03 -15.37 4.73
CA ALA B 336 19.42 -13.96 4.56
C ALA B 336 18.81 -13.07 5.66
N ARG B 337 17.53 -13.28 5.95
CA ARG B 337 16.90 -12.51 7.03
C ARG B 337 17.62 -12.65 8.36
N GLN B 338 18.00 -13.87 8.77
CA GLN B 338 18.65 -14.05 10.10
C GLN B 338 20.04 -13.41 10.11
N ILE B 339 20.75 -13.50 8.98
CA ILE B 339 22.06 -12.84 8.87
C ILE B 339 21.88 -11.33 9.14
N LEU B 340 20.90 -10.70 8.48
CA LEU B 340 20.78 -9.24 8.62
C LEU B 340 20.19 -8.85 9.97
N LYS B 341 19.24 -9.63 10.51
CA LYS B 341 18.70 -9.32 11.85
C LYS B 341 19.84 -9.28 12.86
N ILE B 342 20.68 -10.32 12.84
CA ILE B 342 21.73 -10.49 13.86
C ILE B 342 22.84 -9.44 13.69
N LEU B 343 23.24 -9.20 12.45
CA LEU B 343 24.16 -8.15 12.10
C LEU B 343 23.70 -6.80 12.68
N LEU B 344 22.47 -6.40 12.34
CA LEU B 344 21.94 -5.12 12.85
C LEU B 344 21.96 -5.04 14.39
N GLN B 345 21.55 -6.08 15.08
CA GLN B 345 21.66 -6.05 16.53
C GLN B 345 23.11 -6.03 17.03
N THR B 346 24.04 -6.78 16.38
CA THR B 346 25.41 -6.84 16.86
C THR B 346 26.08 -5.45 16.71
N LEU B 347 25.85 -4.78 15.58
CA LEU B 347 26.36 -3.45 15.41
C LEU B 347 25.75 -2.48 16.43
N ALA B 348 24.44 -2.53 16.62
CA ALA B 348 23.80 -1.62 17.58
C ALA B 348 24.35 -1.78 19.01
N GLN B 349 24.65 -3.01 19.42
CA GLN B 349 25.05 -3.21 20.79
C GLN B 349 26.58 -3.13 21.05
N LYS B 350 27.36 -2.87 19.99
CA LYS B 350 28.82 -3.00 20.06
C LYS B 350 29.54 -1.85 19.38
N VAL B 351 28.88 -1.15 18.46
CA VAL B 351 29.55 -0.09 17.72
C VAL B 351 28.95 1.28 18.04
N ALA B 352 29.79 2.23 18.48
CA ALA B 352 29.32 3.60 18.76
C ALA B 352 29.04 4.39 17.45
N SER B 353 29.95 4.34 16.48
CA SER B 353 29.77 5.09 15.22
C SER B 353 30.76 4.54 14.20
N PHE B 354 30.74 5.09 12.96
CA PHE B 354 31.60 4.66 11.85
C PHE B 354 32.15 5.87 11.06
N GLU B 355 33.25 5.72 10.33
CA GLU B 355 33.69 6.73 9.35
C GLU B 355 34.00 6.07 8.03
N ILE B 356 33.36 6.55 6.97
CA ILE B 356 33.65 6.05 5.61
C ILE B 356 34.89 6.74 5.08
N LEU B 357 35.95 5.97 4.83
CA LEU B 357 37.25 6.55 4.45
C LEU B 357 37.52 6.68 2.95
N ASP B 358 36.94 5.84 2.11
CA ASP B 358 37.43 5.71 0.74
C ASP B 358 36.69 4.58 0.05
N TYR B 359 36.26 4.76 -1.18
CA TYR B 359 35.30 3.81 -1.77
C TYR B 359 35.28 3.85 -3.28
N LYS B 360 34.80 2.78 -3.89
CA LYS B 360 34.49 2.82 -5.30
C LYS B 360 33.15 2.11 -5.52
N GLU B 361 32.28 2.75 -6.29
CA GLU B 361 30.93 2.26 -6.52
C GLU B 361 30.85 1.16 -7.52
N ASN B 362 29.91 0.24 -7.30
CA ASN B 362 29.60 -0.81 -8.26
C ASN B 362 28.34 -0.40 -9.02
N ILE B 363 28.52 0.14 -10.25
CA ILE B 363 27.40 0.56 -11.13
C ILE B 363 27.07 -0.54 -12.13
N GLU B 364 25.82 -0.99 -12.12
CA GLU B 364 25.34 -1.94 -13.12
C GLU B 364 24.97 -1.23 -14.43
N ASP B 365 25.64 -1.65 -15.50
CA ASP B 365 25.42 -1.17 -16.85
C ASP B 365 24.19 -1.86 -17.46
N LEU B 366 23.03 -1.20 -17.38
CA LEU B 366 21.80 -1.69 -17.99
C LEU B 366 21.38 -0.85 -19.18
N ASP B 367 22.37 -0.53 -20.03
CA ASP B 367 22.15 0.14 -21.32
C ASP B 367 21.71 1.61 -21.16
N HIS B 368 20.41 1.87 -21.28
CA HIS B 368 19.86 3.22 -21.00
C HIS B 368 19.78 3.50 -19.48
N PHE B 369 20.03 2.50 -18.64
CA PHE B 369 19.93 2.70 -17.21
C PHE B 369 21.24 2.36 -16.53
N GLN B 370 21.64 3.22 -15.61
CA GLN B 370 22.84 2.98 -14.84
C GLN B 370 22.43 2.85 -13.37
N ARG B 371 22.69 1.69 -12.78
CA ARG B 371 22.15 1.41 -11.45
C ARG B 371 23.23 1.08 -10.40
N LYS B 372 23.35 1.97 -9.40
CA LYS B 372 24.22 1.68 -8.28
C LYS B 372 23.63 0.50 -7.52
N VAL B 373 24.40 -0.59 -7.40
CA VAL B 373 23.94 -1.76 -6.67
C VAL B 373 24.69 -1.86 -5.34
N GLY B 374 25.77 -1.09 -5.19
CA GLY B 374 26.62 -1.12 -4.00
C GLY B 374 28.03 -0.63 -4.27
N PHE B 375 29.02 -1.34 -3.72
CA PHE B 375 30.41 -0.94 -3.76
C PHE B 375 31.32 -2.06 -4.25
N HIS B 376 32.25 -1.80 -5.18
CA HIS B 376 33.38 -2.74 -5.41
C HIS B 376 34.25 -2.80 -4.18
N ASN B 377 34.44 -1.65 -3.53
CA ASN B 377 35.14 -1.60 -2.24
C ASN B 377 34.77 -0.34 -1.47
N ILE B 378 34.92 -0.41 -0.16
CA ILE B 378 34.61 0.70 0.70
C ILE B 378 35.31 0.42 2.04
N GLN B 379 36.10 1.40 2.46
CA GLN B 379 36.92 1.29 3.64
C GLN B 379 36.19 2.00 4.75
N ILE B 380 35.93 1.31 5.86
CA ILE B 380 35.15 1.92 6.94
C ILE B 380 35.80 1.67 8.29
N LYS B 381 35.83 2.71 9.13
CA LYS B 381 36.36 2.56 10.47
C LYS B 381 35.25 2.31 11.49
N PHE B 382 35.46 1.37 12.40
CA PHE B 382 34.46 1.09 13.44
C PHE B 382 34.96 1.58 14.81
N ASN B 383 34.17 2.40 15.52
CA ASN B 383 34.55 2.83 16.87
C ASN B 383 33.70 2.12 17.88
N PRO B 384 34.30 1.59 18.96
CA PRO B 384 33.62 0.82 20.03
C PRO B 384 32.75 1.60 21.03
N LEU B 385 31.73 0.97 21.62
CA LEU B 385 31.11 1.46 22.90
C LEU B 385 31.83 1.00 24.17
C4 EMZ C . -29.56 8.20 2.44
C5 EMZ C . -28.04 8.07 2.72
C6 EMZ C . -27.21 8.25 1.46
C3 EMZ C . -30.30 8.22 3.77
CAM EMZ C . -25.17 7.57 0.67
O6 EMZ C . -25.83 8.10 1.82
O5 EMZ C . -27.55 9.10 3.61
C1 EMZ C . -28.20 8.84 4.84
O1 EMZ C . -27.58 9.55 5.88
C2 EMZ C . -29.65 9.32 4.57
O2 EMZ C . -30.37 9.62 5.74
O3 EMZ C . -31.70 8.52 3.63
O4 EMZ C . -29.80 9.43 1.74
CHA HEM D . -22.75 7.78 -1.78
CHB HEM D . -19.68 9.53 1.57
CHC HEM D . -20.97 14.02 0.48
CHD HEM D . -24.30 12.29 -2.48
C1A HEM D . -21.80 7.88 -0.77
C2A HEM D . -21.12 6.79 -0.16
C3A HEM D . -20.28 7.31 0.77
C4A HEM D . -20.40 8.70 0.74
CMA HEM D . -19.35 6.54 1.66
CAA HEM D . -21.23 5.30 -0.43
CBA HEM D . -22.64 4.81 -0.09
CGA HEM D . -22.84 3.34 -0.34
O1A HEM D . -24.01 2.88 -0.28
O2A HEM D . -21.87 2.58 -0.62
C1B HEM D . -19.77 10.91 1.53
C2B HEM D . -18.92 11.74 2.29
C3B HEM D . -19.26 13.02 2.01
C4B HEM D . -20.37 12.92 1.02
CMB HEM D . -17.89 11.24 3.26
CAB HEM D . -18.74 14.30 2.59
CBB HEM D . -17.47 14.55 2.89
C1C HEM D . -22.00 13.95 -0.42
C2C HEM D . -22.68 15.08 -0.94
C3C HEM D . -23.68 14.57 -1.76
C4C HEM D . -23.54 13.14 -1.74
CMC HEM D . -22.34 16.55 -0.62
CAC HEM D . -24.65 15.30 -2.60
CBC HEM D . -24.82 16.60 -2.54
C1D HEM D . -24.10 10.90 -2.57
C2D HEM D . -24.87 10.06 -3.51
C3D HEM D . -24.42 8.80 -3.33
C4D HEM D . -23.42 8.89 -2.25
CMD HEM D . -25.93 10.52 -4.49
CAD HEM D . -24.97 7.58 -4.06
CBD HEM D . -24.16 7.22 -5.31
CGD HEM D . -24.72 5.96 -5.95
O1D HEM D . -25.47 5.22 -5.28
O2D HEM D . -24.43 5.61 -7.13
NA HEM D . -21.34 9.04 -0.18
NB HEM D . -20.60 11.64 0.77
NC HEM D . -22.55 12.81 -0.88
ND HEM D . -23.25 10.18 -1.86
FE HEM D . -21.99 10.86 -0.61
C1 GOL E . 17.41 6.96 3.08
O1 GOL E . 17.18 7.41 4.42
C2 GOL E . 18.78 7.50 2.69
O2 GOL E . 18.61 8.47 1.64
C3 GOL E . 19.68 6.35 2.26
O3 GOL E . 21.03 6.63 2.65
C4 EMZ F . 21.57 -17.96 -10.64
C5 EMZ F . 20.79 -16.78 -10.04
C6 EMZ F . 19.75 -17.15 -9.02
C3 EMZ F . 22.71 -17.47 -11.54
CAM EMZ F . 18.03 -16.40 -7.71
O6 EMZ F . 19.02 -15.98 -8.60
O5 EMZ F . 21.71 -15.96 -9.28
C1 EMZ F . 22.46 -15.46 -10.38
O1 EMZ F . 22.95 -14.23 -10.12
C2 EMZ F . 23.51 -16.51 -10.68
O2 EMZ F . 24.65 -16.00 -11.36
O3 EMZ F . 23.55 -18.53 -12.04
O4 EMZ F . 22.17 -18.69 -9.56
CHA HEM G . 15.30 -16.87 -5.73
CHB HEM G . 16.76 -12.45 -4.17
CHC HEM G . 19.64 -14.62 -0.86
CHD HEM G . 18.73 -18.91 -2.95
C1A HEM G . 15.43 -15.49 -5.58
C2A HEM G . 14.63 -14.53 -6.25
C3A HEM G . 15.06 -13.28 -5.81
C4A HEM G . 16.10 -13.46 -4.87
CMA HEM G . 14.48 -11.97 -6.27
CAA HEM G . 13.53 -14.80 -7.26
CBA HEM G . 14.11 -15.00 -8.69
CGA HEM G . 13.09 -15.33 -9.78
O1A HEM G . 13.48 -15.99 -10.74
O2A HEM G . 11.86 -14.99 -9.75
C1B HEM G . 17.63 -12.70 -3.11
C2B HEM G . 18.17 -11.68 -2.28
C3B HEM G . 18.99 -12.28 -1.34
C4B HEM G . 18.93 -13.71 -1.64
CMB HEM G . 17.88 -10.22 -2.43
CAB HEM G . 19.84 -11.73 -0.25
CBB HEM G . 19.69 -10.52 0.32
C1C HEM G . 19.70 -15.97 -1.16
C2C HEM G . 20.46 -16.93 -0.47
C3C HEM G . 20.23 -18.16 -1.08
C4C HEM G . 19.26 -17.94 -2.12
CMC HEM G . 21.36 -16.62 0.66
CAC HEM G . 20.76 -19.48 -0.75
CBC HEM G . 21.98 -19.66 -0.26
C1D HEM G . 17.66 -18.67 -3.85
C2D HEM G . 16.99 -19.75 -4.56
C3D HEM G . 16.03 -19.21 -5.33
C4D HEM G . 16.13 -17.76 -5.06
CMD HEM G . 17.31 -21.24 -4.44
CAD HEM G . 15.08 -19.94 -6.30
CBD HEM G . 13.64 -20.25 -5.78
CGD HEM G . 12.76 -21.10 -6.74
O1D HEM G . 12.98 -21.15 -7.99
O2D HEM G . 11.78 -21.78 -6.27
NA HEM G . 16.34 -14.81 -4.74
NB HEM G . 18.11 -13.89 -2.71
NC HEM G . 18.98 -16.59 -2.16
ND HEM G . 17.12 -17.50 -4.17
FE HEM G . 17.58 -15.79 -3.49
#